data_1S7M
#
_entry.id   1S7M
#
_cell.length_a   83.582
_cell.length_b   86.204
_cell.length_c   89.119
_cell.angle_alpha   90.00
_cell.angle_beta   99.08
_cell.angle_gamma   90.00
#
_symmetry.space_group_name_H-M   'P 1 21 1'
#
loop_
_entity.id
_entity.type
_entity.pdbx_description
1 polymer Hia
2 water water
#
_entity_poly.entity_id   1
_entity_poly.type   'polypeptide(L)'
_entity_poly.pdbx_seq_one_letter_code
;TLGTGNNGAKTEINKDGLTITPANGAGANNANTISVTKDGISAGGQSVKNVVSGLKKFGDANFDPLTSSADNLTKQNDDA
YKGLTNLDEKGTDKQTPVVADNTAATVGDLRGLGWVISADKTTGGSTEYHDQVRNANEVKFKSGNGINVSGKTVNGRREI
TFELAKGEVVKSNE
;
_entity_poly.pdbx_strand_id   A,B,C,D,E,F
#
# COMPACT_ATOMS: atom_id res chain seq x y z
N GLY A 8 -19.28 -42.35 -2.16
CA GLY A 8 -19.00 -41.52 -3.38
C GLY A 8 -17.82 -40.56 -3.24
N ALA A 9 -17.29 -40.43 -2.03
CA ALA A 9 -16.17 -39.53 -1.80
C ALA A 9 -14.89 -40.09 -2.39
N LYS A 10 -14.03 -39.21 -2.91
CA LYS A 10 -12.77 -39.65 -3.46
C LYS A 10 -11.64 -38.74 -3.01
N THR A 11 -10.43 -39.30 -2.94
CA THR A 11 -9.25 -38.56 -2.55
C THR A 11 -8.25 -38.69 -3.68
N GLU A 12 -7.87 -37.56 -4.27
CA GLU A 12 -6.91 -37.56 -5.36
C GLU A 12 -5.58 -36.97 -4.96
N ILE A 13 -4.50 -37.58 -5.44
CA ILE A 13 -3.15 -37.12 -5.21
C ILE A 13 -2.55 -36.91 -6.58
N ASN A 14 -2.07 -35.70 -6.85
CA ASN A 14 -1.45 -35.39 -8.13
C ASN A 14 -0.20 -34.55 -7.84
N LYS A 15 0.38 -34.00 -8.90
CA LYS A 15 1.58 -33.18 -8.77
C LYS A 15 1.47 -32.00 -7.79
N ASP A 16 0.29 -31.39 -7.75
CA ASP A 16 0.02 -30.22 -6.91
C ASP A 16 -0.43 -30.45 -5.47
N GLY A 17 -0.97 -31.64 -5.18
CA GLY A 17 -1.40 -31.89 -3.83
C GLY A 17 -2.40 -33.01 -3.60
N LEU A 18 -3.16 -32.84 -2.53
CA LEU A 18 -4.18 -33.78 -2.10
C LEU A 18 -5.56 -33.13 -2.09
N THR A 19 -6.50 -33.66 -2.87
CA THR A 19 -7.86 -33.14 -2.91
C THR A 19 -8.91 -34.22 -2.57
N ILE A 20 -9.83 -33.89 -1.67
CA ILE A 20 -10.91 -34.79 -1.28
C ILE A 20 -12.20 -34.18 -1.81
N THR A 21 -12.92 -34.92 -2.63
CA THR A 21 -14.18 -34.45 -3.15
C THR A 21 -15.27 -35.22 -2.41
N PRO A 22 -16.13 -34.51 -1.67
CA PRO A 22 -17.22 -35.15 -0.91
C PRO A 22 -18.14 -35.94 -1.82
N ALA A 23 -18.97 -36.78 -1.21
CA ALA A 23 -19.91 -37.59 -2.00
C ALA A 23 -20.85 -36.73 -2.82
N ASN A 24 -20.87 -35.42 -2.53
CA ASN A 24 -21.77 -34.51 -3.22
C ASN A 24 -21.14 -33.62 -4.31
N GLY A 25 -19.96 -33.95 -4.80
CA GLY A 25 -19.34 -33.13 -5.83
C GLY A 25 -18.42 -32.03 -5.36
N ALA A 26 -17.57 -31.54 -6.25
CA ALA A 26 -16.61 -30.49 -5.94
C ALA A 26 -17.27 -29.13 -5.70
N GLY A 27 -18.57 -29.07 -5.94
CA GLY A 27 -19.30 -27.82 -5.75
C GLY A 27 -18.96 -26.82 -6.83
N ALA A 28 -18.82 -25.56 -6.44
CA ALA A 28 -18.47 -24.52 -7.39
C ALA A 28 -17.06 -24.04 -7.05
N ASN A 29 -16.23 -23.87 -8.06
CA ASN A 29 -14.87 -23.41 -7.84
C ASN A 29 -14.20 -24.26 -6.77
N ASN A 30 -14.42 -25.58 -6.83
CA ASN A 30 -13.83 -26.50 -5.88
C ASN A 30 -14.11 -26.13 -4.42
N ALA A 31 -15.13 -25.30 -4.22
CA ALA A 31 -15.51 -24.82 -2.90
C ALA A 31 -15.86 -25.91 -1.90
N ASN A 32 -16.48 -26.99 -2.35
CA ASN A 32 -16.84 -28.08 -1.45
C ASN A 32 -15.67 -29.01 -1.21
N THR A 33 -14.63 -28.82 -2.00
CA THR A 33 -13.43 -29.62 -1.90
C THR A 33 -12.63 -29.37 -0.64
N ILE A 34 -12.02 -30.42 -0.10
CA ILE A 34 -11.17 -30.28 1.06
C ILE A 34 -9.80 -30.58 0.46
N SER A 35 -8.87 -29.63 0.57
CA SER A 35 -7.57 -29.86 -0.03
C SER A 35 -6.39 -29.17 0.58
N VAL A 36 -5.23 -29.78 0.37
CA VAL A 36 -3.93 -29.30 0.79
C VAL A 36 -3.07 -29.38 -0.46
N THR A 37 -2.91 -28.25 -1.14
CA THR A 37 -2.14 -28.18 -2.37
C THR A 37 -1.09 -27.09 -2.31
N LYS A 38 -0.32 -26.98 -3.38
CA LYS A 38 0.74 -25.99 -3.49
C LYS A 38 0.16 -24.57 -3.44
N ASP A 39 -1.13 -24.46 -3.76
CA ASP A 39 -1.79 -23.17 -3.74
C ASP A 39 -2.41 -22.91 -2.38
N GLY A 40 -2.22 -23.82 -1.44
CA GLY A 40 -2.80 -23.59 -0.14
C GLY A 40 -3.73 -24.68 0.37
N ILE A 41 -4.60 -24.31 1.31
CA ILE A 41 -5.51 -25.26 1.93
C ILE A 41 -6.97 -24.84 1.85
N SER A 42 -7.83 -25.76 1.46
CA SER A 42 -9.27 -25.48 1.38
C SER A 42 -9.99 -26.40 2.35
N ALA A 43 -10.89 -25.85 3.15
CA ALA A 43 -11.60 -26.68 4.12
C ALA A 43 -13.01 -27.07 3.64
N GLY A 44 -13.23 -26.91 2.34
CA GLY A 44 -14.51 -27.24 1.74
C GLY A 44 -15.75 -26.69 2.43
N GLY A 45 -15.71 -25.44 2.86
CA GLY A 45 -16.84 -24.84 3.53
C GLY A 45 -17.01 -25.33 4.95
N GLN A 46 -16.04 -26.11 5.41
CA GLN A 46 -16.09 -26.63 6.77
C GLN A 46 -15.12 -25.84 7.66
N SER A 47 -14.83 -26.38 8.84
CA SER A 47 -13.96 -25.73 9.81
C SER A 47 -12.63 -26.40 10.01
N VAL A 48 -11.73 -25.70 10.70
CA VAL A 48 -10.44 -26.25 11.07
C VAL A 48 -10.67 -26.41 12.57
N LYS A 49 -10.72 -27.64 13.02
CA LYS A 49 -10.96 -27.91 14.44
C LYS A 49 -9.74 -28.38 15.18
N ASN A 50 -9.87 -28.46 16.50
CA ASN A 50 -8.79 -28.90 17.37
C ASN A 50 -7.51 -28.17 17.01
N VAL A 51 -7.60 -26.84 16.97
CA VAL A 51 -6.45 -26.03 16.66
C VAL A 51 -6.23 -24.92 17.70
N VAL A 52 -4.95 -24.68 18.02
CA VAL A 52 -4.58 -23.61 18.95
C VAL A 52 -3.50 -22.75 18.26
N SER A 53 -3.34 -21.52 18.71
CA SER A 53 -2.34 -20.65 18.10
C SER A 53 -1.10 -20.54 18.99
N GLY A 54 -1.25 -20.89 20.26
CA GLY A 54 -0.13 -20.75 21.17
C GLY A 54 -0.28 -19.45 21.96
N LEU A 55 -1.34 -18.68 21.69
CA LEU A 55 -1.54 -17.42 22.44
C LEU A 55 -2.09 -17.71 23.83
N LYS A 56 -1.61 -16.96 24.82
CA LYS A 56 -2.09 -17.12 26.20
C LYS A 56 -2.91 -15.87 26.54
N LYS A 57 -3.59 -15.94 27.68
CA LYS A 57 -4.37 -14.82 28.20
C LYS A 57 -3.50 -14.23 29.30
N PHE A 58 -3.61 -12.94 29.54
CA PHE A 58 -2.85 -12.34 30.63
C PHE A 58 -3.34 -12.96 31.93
N GLY A 59 -2.40 -13.32 32.81
CA GLY A 59 -2.78 -13.91 34.06
C GLY A 59 -2.65 -15.42 34.04
N ASP A 60 -2.35 -15.99 32.88
CA ASP A 60 -2.18 -17.44 32.77
C ASP A 60 -0.88 -17.89 33.42
N ALA A 61 -0.82 -19.16 33.76
CA ALA A 61 0.38 -19.75 34.37
C ALA A 61 1.38 -20.06 33.26
N ASN A 62 2.60 -20.37 33.65
CA ASN A 62 3.63 -20.70 32.67
C ASN A 62 4.14 -19.47 31.96
N PHE A 63 3.86 -18.31 32.52
CA PHE A 63 4.36 -17.07 31.94
C PHE A 63 5.70 -16.91 32.62
N ASP A 64 6.74 -16.67 31.83
CA ASP A 64 8.04 -16.52 32.42
C ASP A 64 8.34 -15.03 32.50
N PRO A 65 8.38 -14.49 33.73
CA PRO A 65 8.66 -13.07 33.96
C PRO A 65 10.03 -12.57 33.50
N LEU A 66 11.01 -13.47 33.39
CA LEU A 66 12.36 -13.05 33.03
C LEU A 66 12.67 -12.80 31.56
N THR A 67 11.77 -13.20 30.68
CA THR A 67 11.95 -12.99 29.25
C THR A 67 11.02 -11.87 28.80
N SER A 68 10.23 -11.36 29.76
CA SER A 68 9.23 -10.33 29.48
C SER A 68 9.62 -8.85 29.53
N SER A 69 8.98 -8.04 28.71
CA SER A 69 9.20 -6.58 28.72
C SER A 69 8.40 -6.05 29.93
N ALA A 70 8.70 -4.82 30.35
CA ALA A 70 8.00 -4.23 31.49
C ALA A 70 6.49 -4.13 31.22
N ASP A 71 6.12 -3.71 30.03
CA ASP A 71 4.71 -3.61 29.69
C ASP A 71 4.00 -4.96 29.73
N ASN A 72 4.60 -5.98 29.14
CA ASN A 72 3.94 -7.29 29.13
C ASN A 72 3.79 -7.84 30.53
N LEU A 73 4.82 -7.70 31.35
CA LEU A 73 4.78 -8.21 32.73
C LEU A 73 3.75 -7.48 33.60
N THR A 74 3.66 -6.16 33.45
CA THR A 74 2.73 -5.35 34.21
C THR A 74 1.30 -5.84 33.95
N LYS A 75 0.99 -6.03 32.66
CA LYS A 75 -0.33 -6.48 32.28
C LYS A 75 -0.54 -7.89 32.80
N GLN A 76 0.50 -8.71 32.74
CA GLN A 76 0.40 -10.10 33.22
C GLN A 76 -0.06 -10.13 34.68
N ASN A 77 0.49 -9.24 35.50
CA ASN A 77 0.13 -9.18 36.92
C ASN A 77 -1.05 -8.26 37.29
N ASP A 78 -1.57 -7.44 36.38
CA ASP A 78 -2.67 -6.54 36.72
C ASP A 78 -4.04 -7.19 36.49
N ASP A 79 -4.84 -7.31 37.55
CA ASP A 79 -6.16 -7.94 37.44
C ASP A 79 -7.08 -7.26 36.42
N ALA A 80 -6.84 -5.99 36.14
CA ALA A 80 -7.64 -5.28 35.17
C ALA A 80 -7.53 -5.93 33.78
N TYR A 81 -6.37 -6.55 33.53
CA TYR A 81 -6.10 -7.22 32.24
C TYR A 81 -6.37 -8.71 32.21
N LYS A 82 -6.68 -9.28 33.37
CA LYS A 82 -6.89 -10.71 33.48
C LYS A 82 -7.84 -11.33 32.48
N GLY A 83 -7.36 -12.32 31.74
CA GLY A 83 -8.19 -12.96 30.76
C GLY A 83 -8.12 -12.36 29.36
N LEU A 84 -7.60 -11.15 29.23
CA LEU A 84 -7.47 -10.55 27.90
C LEU A 84 -6.34 -11.28 27.19
N THR A 85 -6.53 -11.56 25.90
CA THR A 85 -5.50 -12.26 25.10
C THR A 85 -4.15 -11.51 25.12
N ASN A 86 -3.05 -12.24 25.27
CA ASN A 86 -1.74 -11.59 25.28
C ASN A 86 -1.11 -11.85 23.93
N LEU A 87 -1.02 -10.80 23.11
CA LEU A 87 -0.47 -10.94 21.77
C LEU A 87 1.00 -10.69 21.66
N ASP A 88 1.65 -10.31 22.76
CA ASP A 88 3.07 -9.97 22.70
C ASP A 88 4.03 -10.80 23.55
N GLU A 89 3.67 -12.02 23.93
CA GLU A 89 4.59 -12.83 24.72
C GLU A 89 5.89 -13.11 23.95
N LYS A 90 7.02 -12.88 24.63
CA LYS A 90 8.33 -13.09 24.01
C LYS A 90 9.01 -14.39 24.50
N GLY A 91 9.81 -14.98 23.61
CA GLY A 91 10.52 -16.22 23.93
C GLY A 91 11.84 -16.04 24.66
N THR A 92 12.61 -17.12 24.72
CA THR A 92 13.90 -17.14 25.42
C THR A 92 14.87 -16.04 25.05
N ASP A 93 14.86 -15.62 23.79
CA ASP A 93 15.76 -14.56 23.36
C ASP A 93 15.21 -13.17 23.71
N LYS A 94 14.06 -13.13 24.38
CA LYS A 94 13.44 -11.86 24.80
C LYS A 94 13.01 -10.92 23.69
N GLN A 95 13.13 -11.34 22.44
CA GLN A 95 12.77 -10.47 21.31
C GLN A 95 11.88 -11.11 20.27
N THR A 96 12.06 -12.41 20.08
CA THR A 96 11.25 -13.15 19.12
C THR A 96 9.92 -13.50 19.78
N PRO A 97 8.81 -13.15 19.12
CA PRO A 97 7.48 -13.46 19.67
C PRO A 97 7.35 -14.97 19.82
N VAL A 98 6.69 -15.42 20.86
CA VAL A 98 6.48 -16.86 21.01
C VAL A 98 5.59 -17.35 19.84
N VAL A 99 4.59 -16.55 19.46
CA VAL A 99 3.68 -16.88 18.37
C VAL A 99 3.99 -15.98 17.18
N ALA A 100 4.33 -16.57 16.05
CA ALA A 100 4.65 -15.82 14.84
C ALA A 100 3.34 -15.27 14.24
N ASP A 101 3.47 -14.19 13.48
CA ASP A 101 2.33 -13.56 12.81
C ASP A 101 1.57 -14.55 11.93
N ASN A 102 2.32 -15.30 11.13
CA ASN A 102 1.69 -16.23 10.20
C ASN A 102 1.28 -17.54 10.84
N THR A 103 0.45 -17.42 11.87
CA THR A 103 -0.08 -18.55 12.61
C THR A 103 -1.60 -18.32 12.68
N ALA A 104 -2.38 -19.36 12.43
CA ALA A 104 -3.82 -19.24 12.45
C ALA A 104 -4.32 -18.87 13.85
N ALA A 105 -5.21 -17.90 13.90
CA ALA A 105 -5.81 -17.49 15.15
C ALA A 105 -7.10 -18.33 15.37
N THR A 106 -7.50 -18.48 16.62
CA THR A 106 -8.69 -19.26 16.99
C THR A 106 -9.81 -18.44 17.57
N VAL A 107 -10.99 -19.04 17.66
CA VAL A 107 -12.13 -18.39 18.25
C VAL A 107 -11.79 -18.04 19.71
N GLY A 108 -11.09 -18.93 20.38
CA GLY A 108 -10.71 -18.66 21.76
C GLY A 108 -9.85 -17.41 21.91
N ASP A 109 -8.99 -17.14 20.92
CA ASP A 109 -8.12 -15.96 20.90
C ASP A 109 -9.04 -14.74 20.79
N LEU A 110 -10.01 -14.82 19.88
CA LEU A 110 -10.97 -13.74 19.70
C LEU A 110 -11.76 -13.42 20.96
N ARG A 111 -12.08 -14.46 21.72
CA ARG A 111 -12.87 -14.31 22.93
C ARG A 111 -12.12 -13.49 23.98
N GLY A 112 -10.80 -13.49 23.90
CA GLY A 112 -10.05 -12.69 24.84
C GLY A 112 -9.68 -11.29 24.34
N LEU A 113 -10.09 -10.92 23.13
CA LEU A 113 -9.71 -9.58 22.65
C LEU A 113 -10.42 -8.45 23.37
N GLY A 114 -9.72 -7.36 23.64
CA GLY A 114 -10.36 -6.24 24.28
C GLY A 114 -9.44 -5.15 24.78
N TRP A 115 -10.03 -4.03 25.14
CA TRP A 115 -9.25 -2.94 25.69
C TRP A 115 -9.74 -2.68 27.08
N VAL A 116 -8.99 -1.87 27.80
CA VAL A 116 -9.36 -1.55 29.17
C VAL A 116 -9.81 -0.12 29.24
N ILE A 117 -10.94 0.10 29.90
CA ILE A 117 -11.46 1.45 30.13
C ILE A 117 -11.32 1.76 31.63
N SER A 118 -10.93 2.98 31.97
CA SER A 118 -10.80 3.36 33.37
C SER A 118 -11.12 4.83 33.59
N ALA A 119 -11.32 5.16 34.86
CA ALA A 119 -11.61 6.50 35.34
C ALA A 119 -10.98 6.54 36.75
N ASP A 120 -10.68 7.72 37.25
CA ASP A 120 -10.07 7.82 38.57
C ASP A 120 -11.11 7.71 39.66
N LYS A 121 -12.37 7.74 39.27
CA LYS A 121 -13.44 7.65 40.25
C LYS A 121 -14.51 6.65 39.80
N THR A 122 -15.20 6.09 40.78
CA THR A 122 -16.28 5.17 40.51
C THR A 122 -17.52 5.99 40.82
N THR A 123 -18.52 5.91 39.94
CA THR A 123 -19.75 6.65 40.13
C THR A 123 -20.46 6.16 41.38
N GLY A 124 -20.72 7.06 42.31
CA GLY A 124 -21.37 6.67 43.54
C GLY A 124 -20.41 5.90 44.44
N GLY A 125 -19.16 5.79 44.01
CA GLY A 125 -18.18 5.05 44.80
C GLY A 125 -17.08 5.95 45.33
N SER A 126 -15.97 5.35 45.75
CA SER A 126 -14.86 6.14 46.28
C SER A 126 -13.50 5.58 45.89
N THR A 127 -13.48 4.80 44.82
CA THR A 127 -12.26 4.19 44.35
C THR A 127 -12.12 4.31 42.82
N GLU A 128 -10.94 4.04 42.30
CA GLU A 128 -10.76 4.14 40.85
C GLU A 128 -11.59 3.07 40.13
N TYR A 129 -11.91 3.34 38.87
CA TYR A 129 -12.71 2.39 38.10
C TYR A 129 -12.01 1.79 36.89
N HIS A 130 -12.28 0.52 36.63
CA HIS A 130 -11.76 -0.11 35.43
C HIS A 130 -12.57 -1.34 35.09
N ASP A 131 -12.71 -1.60 33.79
CA ASP A 131 -13.39 -2.79 33.33
C ASP A 131 -12.82 -3.08 31.93
N GLN A 132 -13.15 -4.24 31.39
CA GLN A 132 -12.70 -4.60 30.05
C GLN A 132 -13.84 -4.34 29.05
N VAL A 133 -13.45 -4.01 27.82
CA VAL A 133 -14.39 -3.80 26.74
C VAL A 133 -14.03 -4.82 25.66
N ARG A 134 -14.69 -5.98 25.68
CA ARG A 134 -14.40 -6.95 24.65
C ARG A 134 -15.45 -6.82 23.56
N ASN A 135 -15.45 -7.77 22.65
CA ASN A 135 -16.40 -7.75 21.55
C ASN A 135 -17.82 -7.74 22.13
N ALA A 136 -18.69 -6.96 21.51
CA ALA A 136 -20.11 -6.83 21.87
C ALA A 136 -20.38 -6.26 23.28
N ASN A 137 -19.40 -5.54 23.83
CA ASN A 137 -19.57 -4.87 25.11
C ASN A 137 -19.96 -3.46 24.69
N GLU A 138 -20.62 -2.74 25.59
CA GLU A 138 -21.07 -1.37 25.31
C GLU A 138 -20.49 -0.37 26.30
N VAL A 139 -20.14 0.80 25.80
CA VAL A 139 -19.62 1.88 26.62
C VAL A 139 -20.54 3.07 26.35
N LYS A 140 -21.08 3.64 27.43
CA LYS A 140 -21.99 4.77 27.34
C LYS A 140 -21.47 5.97 28.08
N PHE A 141 -21.49 7.12 27.42
CA PHE A 141 -21.05 8.35 28.05
C PHE A 141 -22.31 9.12 28.45
N LYS A 142 -22.49 9.29 29.75
CA LYS A 142 -23.66 9.92 30.30
C LYS A 142 -23.52 11.33 30.82
N SER A 143 -24.57 12.11 30.61
CA SER A 143 -24.61 13.47 31.08
C SER A 143 -24.76 13.38 32.60
N GLY A 144 -24.21 14.35 33.30
CA GLY A 144 -24.29 14.36 34.74
C GLY A 144 -24.69 15.77 35.09
N ASN A 145 -24.92 16.03 36.38
CA ASN A 145 -25.34 17.36 36.77
C ASN A 145 -24.47 18.48 36.21
N GLY A 146 -25.12 19.35 35.44
CA GLY A 146 -24.45 20.48 34.84
C GLY A 146 -23.72 20.23 33.55
N ILE A 147 -23.65 18.98 33.11
CA ILE A 147 -22.93 18.69 31.87
C ILE A 147 -23.77 17.85 30.91
N ASN A 148 -23.84 18.26 29.66
CA ASN A 148 -24.61 17.51 28.69
C ASN A 148 -23.69 16.75 27.75
N VAL A 149 -23.87 15.43 27.72
CA VAL A 149 -23.04 14.57 26.90
C VAL A 149 -23.84 13.98 25.73
N SER A 150 -23.46 14.32 24.50
CA SER A 150 -24.17 13.83 23.32
C SER A 150 -23.27 13.23 22.26
N GLY A 151 -23.84 12.34 21.45
CA GLY A 151 -23.08 11.69 20.38
C GLY A 151 -23.66 11.89 18.99
N LYS A 152 -22.85 11.60 17.98
CA LYS A 152 -23.25 11.75 16.58
C LYS A 152 -22.14 11.25 15.64
N THR A 153 -22.48 10.44 14.65
CA THR A 153 -21.46 9.99 13.71
C THR A 153 -21.33 11.03 12.61
N VAL A 154 -20.16 11.64 12.51
CA VAL A 154 -19.90 12.68 11.54
C VAL A 154 -18.61 12.42 10.77
N ASN A 155 -18.70 12.47 9.44
CA ASN A 155 -17.55 12.19 8.58
C ASN A 155 -16.82 10.93 9.02
N GLY A 156 -17.60 9.89 9.31
CA GLY A 156 -17.04 8.62 9.72
C GLY A 156 -16.79 8.48 11.21
N ARG A 157 -16.44 9.59 11.86
CA ARG A 157 -16.15 9.57 13.28
C ARG A 157 -17.33 9.48 14.26
N ARG A 158 -17.21 8.59 15.24
CA ARG A 158 -18.22 8.53 16.27
C ARG A 158 -17.74 9.66 17.19
N GLU A 159 -18.47 10.77 17.18
CA GLU A 159 -18.08 11.93 17.97
C GLU A 159 -18.92 12.10 19.24
N ILE A 160 -18.23 12.26 20.37
CA ILE A 160 -18.92 12.49 21.63
C ILE A 160 -18.62 13.92 22.03
N THR A 161 -19.68 14.72 22.20
CA THR A 161 -19.49 16.12 22.55
C THR A 161 -19.88 16.44 23.99
N PHE A 162 -19.10 17.33 24.60
CA PHE A 162 -19.29 17.72 25.99
C PHE A 162 -19.54 19.22 26.17
N GLU A 163 -20.67 19.58 26.78
CA GLU A 163 -20.98 20.99 26.99
C GLU A 163 -21.71 21.23 28.31
N LEU A 164 -21.59 22.46 28.81
CA LEU A 164 -22.28 22.84 30.05
C LEU A 164 -23.76 22.79 29.75
N ALA A 165 -24.57 22.37 30.72
CA ALA A 165 -26.02 22.31 30.53
C ALA A 165 -26.60 23.72 30.72
N ALA B 9 7.53 -28.91 -7.88
CA ALA B 9 6.55 -29.09 -6.77
C ALA B 9 6.29 -30.58 -6.48
N LYS B 10 7.05 -31.14 -5.55
CA LYS B 10 6.90 -32.56 -5.22
C LYS B 10 5.98 -32.89 -4.04
N THR B 11 4.91 -33.59 -4.36
CA THR B 11 3.95 -34.00 -3.34
C THR B 11 4.25 -35.43 -2.95
N GLU B 12 4.14 -35.74 -1.66
CA GLU B 12 4.41 -37.10 -1.20
C GLU B 12 3.77 -37.41 0.14
N ILE B 13 3.37 -38.67 0.30
CA ILE B 13 2.74 -39.11 1.52
C ILE B 13 3.45 -40.36 1.98
N ASN B 14 3.92 -40.34 3.22
CA ASN B 14 4.61 -41.49 3.77
C ASN B 14 4.18 -41.71 5.19
N LYS B 15 4.96 -42.46 5.94
CA LYS B 15 4.61 -42.74 7.32
C LYS B 15 4.35 -41.48 8.12
N ASP B 16 5.09 -40.42 7.83
CA ASP B 16 4.95 -39.15 8.55
C ASP B 16 3.79 -38.27 8.14
N GLY B 17 3.20 -38.53 6.97
CA GLY B 17 2.09 -37.73 6.53
C GLY B 17 2.28 -37.13 5.16
N LEU B 18 1.71 -35.95 4.95
CA LEU B 18 1.77 -35.25 3.68
C LEU B 18 2.78 -34.11 3.68
N THR B 19 3.56 -34.03 2.60
CA THR B 19 4.59 -33.00 2.43
C THR B 19 4.63 -32.56 0.98
N ILE B 20 4.58 -31.25 0.76
CA ILE B 20 4.63 -30.72 -0.59
C ILE B 20 5.73 -29.69 -0.64
N THR B 21 6.79 -29.98 -1.40
CA THR B 21 7.92 -29.08 -1.54
C THR B 21 7.83 -28.33 -2.85
N PRO B 22 7.85 -26.98 -2.81
CA PRO B 22 7.78 -26.17 -4.03
C PRO B 22 9.00 -26.43 -4.90
N ALA B 23 8.90 -26.13 -6.19
CA ALA B 23 10.02 -26.35 -7.11
C ALA B 23 11.22 -25.54 -6.61
N ASN B 24 10.94 -24.30 -6.25
CA ASN B 24 11.93 -23.34 -5.75
C ASN B 24 12.77 -23.86 -4.57
N GLY B 25 12.12 -24.15 -3.43
CA GLY B 25 12.85 -24.64 -2.28
C GLY B 25 12.04 -24.79 -1.01
N ALA B 26 12.65 -25.32 0.04
CA ALA B 26 11.95 -25.50 1.32
C ALA B 26 11.82 -24.19 2.09
N GLY B 27 12.93 -23.46 2.23
CA GLY B 27 12.90 -22.21 2.95
C GLY B 27 13.83 -22.18 4.14
N ALA B 28 13.97 -21.01 4.74
CA ALA B 28 14.83 -20.80 5.91
C ALA B 28 14.56 -21.77 7.06
N ASN B 29 13.51 -22.58 6.91
CA ASN B 29 13.15 -23.56 7.92
C ASN B 29 11.98 -24.36 7.41
N ASN B 30 11.96 -24.59 6.10
CA ASN B 30 10.89 -25.32 5.44
C ASN B 30 9.63 -24.43 5.49
N ALA B 31 9.83 -23.13 5.55
CA ALA B 31 8.71 -22.20 5.62
C ALA B 31 7.86 -22.21 4.35
N ASN B 32 8.45 -22.69 3.25
CA ASN B 32 7.70 -22.75 2.00
C ASN B 32 7.14 -24.13 1.79
N THR B 33 7.40 -25.03 2.74
CA THR B 33 6.89 -26.39 2.63
C THR B 33 5.46 -26.43 3.16
N ILE B 34 4.58 -27.08 2.40
CA ILE B 34 3.21 -27.21 2.83
C ILE B 34 3.17 -28.61 3.40
N SER B 35 2.67 -28.78 4.62
CA SER B 35 2.61 -30.11 5.20
C SER B 35 1.50 -30.39 6.21
N VAL B 36 1.20 -31.68 6.37
CA VAL B 36 0.21 -32.19 7.32
C VAL B 36 0.88 -33.41 7.98
N THR B 37 1.39 -33.22 9.20
CA THR B 37 2.10 -34.27 9.94
C THR B 37 1.73 -34.27 11.41
N LYS B 38 2.51 -35.03 12.19
CA LYS B 38 2.30 -35.15 13.64
C LYS B 38 2.49 -33.79 14.33
N ASP B 39 3.34 -32.95 13.76
CA ASP B 39 3.64 -31.63 14.31
C ASP B 39 2.55 -30.62 14.01
N GLY B 40 1.63 -31.00 13.14
CA GLY B 40 0.55 -30.10 12.79
C GLY B 40 0.52 -29.78 11.33
N ILE B 41 0.05 -28.59 11.01
CA ILE B 41 -0.09 -28.18 9.63
C ILE B 41 0.69 -26.93 9.27
N SER B 42 1.30 -26.95 8.09
CA SER B 42 2.02 -25.78 7.60
C SER B 42 1.39 -25.44 6.25
N ALA B 43 1.05 -24.17 6.05
CA ALA B 43 0.42 -23.74 4.81
C ALA B 43 1.43 -23.22 3.80
N GLY B 44 2.72 -23.30 4.16
CA GLY B 44 3.76 -22.88 3.22
C GLY B 44 3.64 -21.47 2.71
N GLY B 45 3.13 -20.57 3.54
CA GLY B 45 2.98 -19.19 3.15
C GLY B 45 1.70 -18.92 2.39
N GLN B 46 0.82 -19.92 2.31
CA GLN B 46 -0.43 -19.75 1.56
C GLN B 46 -1.55 -19.51 2.55
N SER B 47 -2.80 -19.56 2.07
CA SER B 47 -3.95 -19.36 2.94
C SER B 47 -4.76 -20.62 3.15
N VAL B 48 -5.70 -20.55 4.10
CA VAL B 48 -6.65 -21.63 4.33
C VAL B 48 -7.96 -20.95 3.92
N LYS B 49 -8.51 -21.36 2.79
CA LYS B 49 -9.74 -20.77 2.25
C LYS B 49 -10.93 -21.71 2.37
N ASN B 50 -12.11 -21.21 2.00
CA ASN B 50 -13.36 -21.98 2.09
C ASN B 50 -13.45 -22.56 3.47
N VAL B 51 -13.32 -21.69 4.47
CA VAL B 51 -13.37 -22.15 5.84
C VAL B 51 -14.31 -21.26 6.66
N VAL B 52 -15.04 -21.87 7.58
CA VAL B 52 -15.95 -21.11 8.45
C VAL B 52 -15.65 -21.57 9.86
N SER B 53 -15.93 -20.73 10.83
CA SER B 53 -15.70 -21.13 12.23
C SER B 53 -17.04 -21.60 12.80
N GLY B 54 -18.12 -21.07 12.25
CA GLY B 54 -19.45 -21.42 12.73
C GLY B 54 -20.04 -20.28 13.55
N LEU B 55 -19.32 -19.18 13.68
CA LEU B 55 -19.80 -18.05 14.45
C LEU B 55 -20.86 -17.30 13.65
N LYS B 56 -21.90 -16.82 14.32
CA LYS B 56 -22.93 -16.06 13.61
C LYS B 56 -22.83 -14.63 14.06
N LYS B 57 -23.60 -13.77 13.41
CA LYS B 57 -23.65 -12.36 13.77
C LYS B 57 -24.94 -12.17 14.57
N PHE B 58 -24.96 -11.19 15.45
CA PHE B 58 -26.14 -10.94 16.24
C PHE B 58 -27.25 -10.46 15.30
N GLY B 59 -28.46 -10.99 15.51
CA GLY B 59 -29.56 -10.59 14.67
C GLY B 59 -29.79 -11.56 13.54
N ASP B 60 -28.93 -12.57 13.42
CA ASP B 60 -29.10 -13.55 12.36
C ASP B 60 -30.38 -14.34 12.65
N ALA B 61 -31.18 -14.55 11.61
CA ALA B 61 -32.47 -15.24 11.73
C ALA B 61 -32.39 -16.69 12.21
N ASN B 62 -31.24 -17.34 11.98
CA ASN B 62 -31.05 -18.74 12.37
C ASN B 62 -30.86 -18.96 13.88
N PHE B 63 -30.79 -17.88 14.64
CA PHE B 63 -30.60 -17.93 16.09
C PHE B 63 -31.74 -18.63 16.82
N ASP B 64 -31.42 -19.34 17.91
CA ASP B 64 -32.44 -20.04 18.69
C ASP B 64 -32.65 -19.43 20.08
N PRO B 65 -33.76 -18.69 20.25
CA PRO B 65 -34.15 -18.02 21.49
C PRO B 65 -34.30 -18.94 22.68
N LEU B 66 -34.72 -20.18 22.43
CA LEU B 66 -34.95 -21.16 23.48
C LEU B 66 -33.69 -21.69 24.17
N THR B 67 -32.58 -21.71 23.45
CA THR B 67 -31.33 -22.20 24.02
C THR B 67 -30.42 -21.04 24.43
N SER B 68 -30.85 -19.82 24.10
CA SER B 68 -30.08 -18.64 24.41
C SER B 68 -29.94 -18.26 25.86
N SER B 69 -28.83 -17.61 26.20
CA SER B 69 -28.59 -17.13 27.55
C SER B 69 -29.33 -15.80 27.63
N ALA B 70 -29.55 -15.31 28.85
CA ALA B 70 -30.24 -14.04 29.02
C ALA B 70 -29.47 -12.94 28.28
N ASP B 71 -28.18 -12.84 28.58
CA ASP B 71 -27.32 -11.83 27.97
C ASP B 71 -27.27 -11.92 26.43
N ASN B 72 -27.09 -13.13 25.92
CA ASN B 72 -27.02 -13.30 24.48
C ASN B 72 -28.34 -12.98 23.79
N LEU B 73 -29.45 -13.40 24.42
CA LEU B 73 -30.76 -13.13 23.83
C LEU B 73 -30.95 -11.63 23.78
N THR B 74 -30.53 -10.97 24.85
CA THR B 74 -30.65 -9.52 24.93
C THR B 74 -29.94 -8.86 23.74
N LYS B 75 -28.73 -9.32 23.46
CA LYS B 75 -27.93 -8.76 22.36
C LYS B 75 -28.46 -9.20 21.00
N GLN B 76 -28.99 -10.41 20.93
CA GLN B 76 -29.53 -10.87 19.65
C GLN B 76 -30.72 -9.99 19.28
N ASN B 77 -31.37 -9.43 20.30
CA ASN B 77 -32.54 -8.59 20.07
C ASN B 77 -32.39 -7.10 20.34
N ASP B 78 -31.16 -6.60 20.19
CA ASP B 78 -30.93 -5.18 20.37
C ASP B 78 -30.25 -4.66 19.11
N ASP B 79 -31.03 -4.03 18.25
CA ASP B 79 -30.55 -3.50 17.00
C ASP B 79 -29.21 -2.72 17.07
N ALA B 80 -28.79 -2.27 18.26
CA ALA B 80 -27.52 -1.54 18.36
C ALA B 80 -26.35 -2.50 18.16
N TYR B 81 -26.61 -3.77 18.40
CA TYR B 81 -25.66 -4.86 18.31
C TYR B 81 -25.70 -5.66 17.03
N LYS B 82 -26.66 -5.33 16.15
CA LYS B 82 -26.84 -6.08 14.91
C LYS B 82 -25.61 -6.10 14.00
N GLY B 83 -25.23 -7.29 13.55
CA GLY B 83 -24.06 -7.39 12.68
C GLY B 83 -22.77 -7.78 13.42
N LEU B 84 -22.71 -7.46 14.70
CA LEU B 84 -21.53 -7.80 15.50
C LEU B 84 -21.42 -9.30 15.63
N THR B 85 -20.19 -9.82 15.66
CA THR B 85 -19.96 -11.24 15.80
C THR B 85 -20.49 -11.72 17.14
N ASN B 86 -21.12 -12.89 17.15
CA ASN B 86 -21.67 -13.46 18.38
C ASN B 86 -20.68 -14.50 18.83
N LEU B 87 -19.88 -14.16 19.83
CA LEU B 87 -18.87 -15.09 20.33
C LEU B 87 -19.38 -16.03 21.44
N ASP B 88 -20.66 -15.92 21.79
CA ASP B 88 -21.16 -16.78 22.86
C ASP B 88 -22.50 -17.47 22.60
N GLU B 89 -22.73 -17.89 21.35
CA GLU B 89 -23.98 -18.60 21.06
C GLU B 89 -23.87 -19.91 21.83
N LYS B 90 -24.96 -20.31 22.48
CA LYS B 90 -24.99 -21.52 23.28
C LYS B 90 -25.75 -22.64 22.58
N GLY B 91 -25.38 -23.87 22.90
CA GLY B 91 -26.06 -25.01 22.33
C GLY B 91 -27.23 -25.41 23.21
N THR B 92 -27.57 -26.70 23.20
CA THR B 92 -28.67 -27.20 24.00
C THR B 92 -28.50 -26.91 25.49
N ASP B 93 -27.38 -27.40 26.03
CA ASP B 93 -27.04 -27.26 27.44
C ASP B 93 -26.90 -25.81 27.91
N LYS B 94 -26.65 -24.90 26.98
CA LYS B 94 -26.48 -23.48 27.33
C LYS B 94 -25.30 -23.35 28.28
N GLN B 95 -24.71 -24.50 28.62
CA GLN B 95 -23.56 -24.56 29.51
C GLN B 95 -22.32 -24.77 28.66
N THR B 96 -22.54 -24.91 27.36
CA THR B 96 -21.46 -25.11 26.41
C THR B 96 -21.69 -24.24 25.19
N PRO B 97 -20.62 -23.64 24.66
CA PRO B 97 -20.70 -22.78 23.47
C PRO B 97 -20.84 -23.62 22.20
N VAL B 98 -21.64 -23.13 21.26
CA VAL B 98 -21.82 -23.85 19.99
C VAL B 98 -20.46 -24.02 19.31
N VAL B 99 -19.66 -22.96 19.30
CA VAL B 99 -18.33 -23.02 18.69
C VAL B 99 -17.26 -23.11 19.75
N ALA B 100 -16.46 -24.16 19.69
CA ALA B 100 -15.39 -24.38 20.65
C ALA B 100 -14.26 -23.37 20.48
N ASP B 101 -13.49 -23.15 21.56
CA ASP B 101 -12.37 -22.21 21.55
C ASP B 101 -11.34 -22.54 20.48
N ASN B 102 -10.93 -23.81 20.41
CA ASN B 102 -9.90 -24.26 19.48
C ASN B 102 -10.40 -24.51 18.05
N THR B 103 -11.06 -23.49 17.51
CA THR B 103 -11.58 -23.53 16.15
C THR B 103 -10.95 -22.34 15.46
N ALA B 104 -10.43 -22.56 14.26
CA ALA B 104 -9.80 -21.46 13.56
C ALA B 104 -10.84 -20.39 13.29
N ALA B 105 -10.45 -19.15 13.58
CA ALA B 105 -11.33 -18.00 13.33
C ALA B 105 -11.09 -17.50 11.89
N THR B 106 -12.09 -16.84 11.32
CA THR B 106 -11.98 -16.33 9.95
C THR B 106 -12.02 -14.83 9.87
N VAL B 107 -11.66 -14.33 8.70
CA VAL B 107 -11.64 -12.91 8.43
C VAL B 107 -13.06 -12.34 8.55
N GLY B 108 -14.04 -13.17 8.19
CA GLY B 108 -15.43 -12.75 8.29
C GLY B 108 -15.78 -12.60 9.77
N ASP B 109 -15.23 -13.45 10.62
CA ASP B 109 -15.50 -13.28 12.07
C ASP B 109 -14.89 -11.96 12.54
N LEU B 110 -13.68 -11.62 12.07
CA LEU B 110 -13.02 -10.37 12.46
C LEU B 110 -13.82 -9.17 12.04
N ARG B 111 -14.41 -9.24 10.84
CA ARG B 111 -15.21 -8.15 10.29
C ARG B 111 -16.42 -7.73 11.16
N GLY B 112 -16.94 -8.67 11.94
CA GLY B 112 -18.06 -8.36 12.82
C GLY B 112 -17.67 -8.01 14.26
N LEU B 113 -16.37 -7.96 14.55
CA LEU B 113 -15.91 -7.62 15.89
C LEU B 113 -16.07 -6.10 16.11
N GLY B 114 -16.48 -5.73 17.31
CA GLY B 114 -16.64 -4.32 17.62
C GLY B 114 -17.36 -4.11 18.94
N TRP B 115 -17.33 -2.89 19.44
CA TRP B 115 -18.05 -2.61 20.66
C TRP B 115 -19.08 -1.52 20.38
N VAL B 116 -20.11 -1.45 21.22
CA VAL B 116 -21.15 -0.45 21.04
C VAL B 116 -20.84 0.82 21.82
N ILE B 117 -20.88 1.96 21.14
CA ILE B 117 -20.68 3.22 21.84
C ILE B 117 -22.04 3.93 21.87
N SER B 118 -22.41 4.45 23.03
CA SER B 118 -23.68 5.13 23.20
C SER B 118 -23.65 6.35 24.13
N ALA B 119 -24.72 7.14 24.02
CA ALA B 119 -24.89 8.32 24.83
C ALA B 119 -26.42 8.49 24.92
N ASP B 120 -26.89 9.24 25.92
CA ASP B 120 -28.34 9.41 26.07
C ASP B 120 -28.89 10.56 25.26
N LYS B 121 -27.99 11.31 24.62
CA LYS B 121 -28.36 12.43 23.81
C LYS B 121 -27.66 12.37 22.46
N THR B 122 -28.34 12.85 21.42
CA THR B 122 -27.76 12.89 20.09
C THR B 122 -27.44 14.35 19.83
N THR B 123 -26.19 14.65 19.52
CA THR B 123 -25.74 16.01 19.29
C THR B 123 -26.62 16.70 18.23
N GLY B 124 -27.26 17.80 18.63
CA GLY B 124 -28.11 18.55 17.72
C GLY B 124 -29.39 17.82 17.38
N GLY B 125 -29.64 16.71 18.05
CA GLY B 125 -30.85 15.95 17.79
C GLY B 125 -31.70 15.90 19.03
N SER B 126 -32.56 14.89 19.14
CA SER B 126 -33.41 14.79 20.32
C SER B 126 -33.69 13.36 20.74
N THR B 127 -32.80 12.46 20.38
CA THR B 127 -32.95 11.07 20.80
C THR B 127 -31.61 10.48 21.26
N GLU B 128 -31.66 9.28 21.80
CA GLU B 128 -30.47 8.60 22.27
C GLU B 128 -29.53 8.33 21.08
N TYR B 129 -28.25 8.12 21.38
CA TYR B 129 -27.28 7.84 20.35
C TYR B 129 -26.57 6.51 20.56
N HIS B 130 -26.22 5.88 19.46
CA HIS B 130 -25.48 4.63 19.50
C HIS B 130 -24.96 4.32 18.11
N ASP B 131 -23.82 3.66 18.11
CA ASP B 131 -23.19 3.23 16.88
C ASP B 131 -22.25 2.09 17.29
N GLN B 132 -21.63 1.45 16.31
CA GLN B 132 -20.72 0.39 16.63
C GLN B 132 -19.32 0.90 16.32
N VAL B 133 -18.34 0.43 17.07
CA VAL B 133 -16.95 0.81 16.82
C VAL B 133 -16.26 -0.47 16.48
N ARG B 134 -16.12 -0.71 15.19
CA ARG B 134 -15.46 -1.92 14.70
C ARG B 134 -14.00 -1.54 14.40
N ASN B 135 -13.25 -2.49 13.85
CA ASN B 135 -11.86 -2.25 13.50
C ASN B 135 -11.71 -1.08 12.53
N ALA B 136 -10.79 -0.19 12.88
CA ALA B 136 -10.46 0.97 12.08
C ALA B 136 -11.54 2.06 12.09
N ASN B 137 -12.46 1.98 13.04
CA ASN B 137 -13.42 3.07 13.21
C ASN B 137 -12.74 4.07 14.14
N GLU B 138 -13.19 5.31 14.13
CA GLU B 138 -12.60 6.34 14.96
C GLU B 138 -13.60 6.98 15.91
N VAL B 139 -13.19 7.14 17.18
CA VAL B 139 -14.04 7.78 18.17
C VAL B 139 -13.37 9.10 18.57
N LYS B 140 -14.11 10.21 18.43
CA LYS B 140 -13.57 11.52 18.78
C LYS B 140 -14.28 12.13 19.96
N PHE B 141 -13.49 12.64 20.91
CA PHE B 141 -14.03 13.28 22.10
C PHE B 141 -13.90 14.78 21.86
N LYS B 142 -15.06 15.42 21.71
CA LYS B 142 -15.14 16.83 21.38
C LYS B 142 -15.35 17.81 22.51
N SER B 143 -14.60 18.91 22.43
CA SER B 143 -14.73 20.00 23.37
C SER B 143 -16.07 20.69 23.01
N GLY B 144 -16.82 21.15 24.01
CA GLY B 144 -18.07 21.83 23.75
C GLY B 144 -18.02 23.21 24.39
N ASN B 145 -19.17 23.88 24.43
CA ASN B 145 -19.22 25.21 25.03
C ASN B 145 -18.96 25.11 26.53
N GLY B 146 -17.86 25.70 26.97
CA GLY B 146 -17.51 25.66 28.38
C GLY B 146 -16.57 24.56 28.83
N ILE B 147 -16.53 23.44 28.11
CA ILE B 147 -15.68 22.31 28.50
C ILE B 147 -14.54 22.01 27.51
N ASN B 148 -13.30 21.94 27.99
CA ASN B 148 -12.19 21.62 27.12
C ASN B 148 -11.81 20.16 27.21
N VAL B 149 -11.87 19.46 26.08
CA VAL B 149 -11.53 18.05 26.05
C VAL B 149 -10.20 17.83 25.33
N SER B 150 -9.23 17.25 26.03
CA SER B 150 -7.92 17.02 25.43
C SER B 150 -7.42 15.60 25.65
N GLY B 151 -6.51 15.17 24.78
CA GLY B 151 -5.96 13.84 24.88
C GLY B 151 -4.45 13.81 24.94
N LYS B 152 -3.91 12.73 25.48
CA LYS B 152 -2.46 12.56 25.60
C LYS B 152 -2.20 11.14 26.02
N THR B 153 -1.24 10.49 25.37
CA THR B 153 -0.90 9.15 25.77
C THR B 153 0.21 9.31 26.80
N VAL B 154 -0.01 8.76 27.99
CA VAL B 154 0.95 8.84 29.10
C VAL B 154 1.22 7.46 29.69
N ASN B 155 2.49 7.05 29.70
CA ASN B 155 2.88 5.72 30.19
C ASN B 155 1.97 4.67 29.53
N GLY B 156 1.80 4.80 28.22
CA GLY B 156 0.97 3.84 27.51
C GLY B 156 -0.53 4.04 27.59
N ARG B 157 -1.02 4.78 28.58
CA ARG B 157 -2.45 5.02 28.70
C ARG B 157 -2.96 6.13 27.80
N ARG B 158 -3.99 5.85 27.01
CA ARG B 158 -4.58 6.89 26.15
C ARG B 158 -5.53 7.65 27.09
N GLU B 159 -5.10 8.83 27.53
CA GLU B 159 -5.90 9.62 28.47
C GLU B 159 -6.64 10.83 27.87
N ILE B 160 -7.93 10.92 28.16
CA ILE B 160 -8.77 12.01 27.68
C ILE B 160 -9.13 12.81 28.93
N THR B 161 -8.78 14.08 28.93
CA THR B 161 -9.04 14.97 30.06
C THR B 161 -10.15 16.00 29.87
N PHE B 162 -10.99 16.15 30.89
CA PHE B 162 -12.13 17.08 30.87
C PHE B 162 -12.00 18.14 31.99
N GLU B 163 -12.06 19.40 31.59
CA GLU B 163 -11.95 20.51 32.53
C GLU B 163 -12.75 21.69 32.00
N LEU B 164 -13.08 22.61 32.89
CA LEU B 164 -13.83 23.79 32.53
C LEU B 164 -12.95 24.73 31.70
N ALA B 165 -13.50 25.27 30.62
CA ALA B 165 -12.75 26.19 29.80
C ALA B 165 -12.79 27.58 30.45
N LYS C 10 1.48 -43.45 12.80
CA LYS C 10 0.29 -44.16 12.23
C LYS C 10 -0.52 -43.29 11.26
N THR C 11 -0.14 -43.34 9.98
CA THR C 11 -0.80 -42.58 8.93
C THR C 11 -1.71 -43.46 8.09
N GLU C 12 -2.96 -43.03 7.90
CA GLU C 12 -3.94 -43.79 7.15
C GLU C 12 -4.66 -42.98 6.09
N ILE C 13 -4.81 -43.54 4.90
CA ILE C 13 -5.51 -42.84 3.83
C ILE C 13 -6.67 -43.66 3.30
N ASN C 14 -7.76 -43.01 2.94
CA ASN C 14 -8.89 -43.68 2.35
C ASN C 14 -9.69 -42.71 1.55
N LYS C 15 -10.82 -43.15 1.00
CA LYS C 15 -11.64 -42.31 0.15
C LYS C 15 -12.10 -41.02 0.80
N ASP C 16 -12.17 -41.01 2.13
CA ASP C 16 -12.62 -39.84 2.84
C ASP C 16 -11.51 -38.88 3.23
N GLY C 17 -10.26 -39.26 3.02
CA GLY C 17 -9.16 -38.37 3.36
C GLY C 17 -7.99 -38.99 4.08
N LEU C 18 -7.17 -38.15 4.70
CA LEU C 18 -5.97 -38.59 5.40
C LEU C 18 -6.04 -38.30 6.89
N THR C 19 -5.55 -39.25 7.68
CA THR C 19 -5.55 -39.11 9.13
C THR C 19 -4.25 -39.58 9.73
N ILE C 20 -3.75 -38.81 10.69
CA ILE C 20 -2.52 -39.14 11.36
C ILE C 20 -2.86 -39.25 12.84
N THR C 21 -2.64 -40.43 13.40
CA THR C 21 -2.92 -40.64 14.82
C THR C 21 -1.60 -40.70 15.56
N PRO C 22 -1.39 -39.76 16.50
CA PRO C 22 -0.19 -39.63 17.32
C PRO C 22 0.24 -40.90 18.03
N ALA C 23 1.54 -41.03 18.25
CA ALA C 23 2.12 -42.19 18.92
C ALA C 23 1.27 -42.71 20.08
N ASN C 24 0.67 -41.81 20.85
CA ASN C 24 -0.12 -42.23 21.99
C ASN C 24 -1.60 -42.56 21.74
N GLY C 25 -2.33 -41.77 20.95
CA GLY C 25 -3.73 -42.09 20.71
C GLY C 25 -4.58 -41.02 20.02
N ALA C 26 -5.77 -41.41 19.55
CA ALA C 26 -6.65 -40.49 18.86
C ALA C 26 -7.27 -39.46 19.80
N GLY C 27 -7.11 -39.70 21.10
CA GLY C 27 -7.65 -38.80 22.11
C GLY C 27 -9.16 -38.74 22.13
N ALA C 28 -9.70 -38.11 23.16
CA ALA C 28 -11.14 -37.98 23.31
C ALA C 28 -11.75 -37.30 22.09
N ASN C 29 -12.70 -37.97 21.47
CA ASN C 29 -13.37 -37.43 20.30
C ASN C 29 -12.42 -37.11 19.14
N ASN C 30 -11.33 -37.86 19.05
CA ASN C 30 -10.33 -37.69 17.99
C ASN C 30 -9.68 -36.30 17.98
N ALA C 31 -9.77 -35.61 19.10
CA ALA C 31 -9.18 -34.28 19.21
C ALA C 31 -7.67 -34.30 18.98
N ASN C 32 -7.02 -35.43 19.24
CA ASN C 32 -5.57 -35.51 19.07
C ASN C 32 -5.14 -35.93 17.69
N THR C 33 -6.12 -36.04 16.81
CA THR C 33 -5.92 -36.43 15.42
C THR C 33 -5.69 -35.27 14.45
N ILE C 34 -4.68 -35.40 13.61
CA ILE C 34 -4.38 -34.39 12.59
C ILE C 34 -4.97 -34.92 11.29
N SER C 35 -5.90 -34.21 10.67
CA SER C 35 -6.46 -34.76 9.46
C SER C 35 -7.03 -33.78 8.45
N VAL C 36 -7.19 -34.30 7.23
CA VAL C 36 -7.75 -33.57 6.11
C VAL C 36 -8.70 -34.59 5.46
N THR C 37 -9.98 -34.45 5.77
CA THR C 37 -10.97 -35.38 5.29
C THR C 37 -12.23 -34.68 4.83
N LYS C 38 -13.22 -35.45 4.42
CA LYS C 38 -14.48 -34.88 3.95
C LYS C 38 -15.19 -34.07 5.03
N ASP C 39 -14.84 -34.29 6.29
CA ASP C 39 -15.49 -33.56 7.37
C ASP C 39 -14.75 -32.26 7.74
N GLY C 40 -13.71 -31.95 6.96
CA GLY C 40 -12.94 -30.76 7.23
C GLY C 40 -11.53 -31.05 7.68
N ILE C 41 -10.99 -30.18 8.52
CA ILE C 41 -9.62 -30.34 9.01
C ILE C 41 -9.49 -30.30 10.52
N SER C 42 -8.55 -31.07 11.04
CA SER C 42 -8.30 -31.12 12.46
C SER C 42 -6.80 -31.00 12.59
N ALA C 43 -6.36 -30.13 13.51
CA ALA C 43 -4.93 -29.93 13.71
C ALA C 43 -4.42 -30.70 14.92
N GLY C 44 -5.30 -31.49 15.52
CA GLY C 44 -4.90 -32.32 16.66
C GLY C 44 -4.23 -31.62 17.84
N GLY C 45 -4.76 -30.47 18.25
CA GLY C 45 -4.18 -29.79 19.38
C GLY C 45 -2.92 -29.05 19.03
N GLN C 46 -2.52 -29.11 17.76
CA GLN C 46 -1.33 -28.41 17.28
C GLN C 46 -1.74 -27.11 16.61
N SER C 47 -0.85 -26.55 15.80
CA SER C 47 -1.16 -25.29 15.13
C SER C 47 -1.06 -25.32 13.62
N VAL C 48 -1.62 -24.30 13.00
CA VAL C 48 -1.51 -24.15 11.57
C VAL C 48 -0.51 -22.99 11.45
N LYS C 49 0.70 -23.33 10.99
CA LYS C 49 1.79 -22.36 10.83
C LYS C 49 2.04 -21.99 9.39
N ASN C 50 2.89 -20.99 9.19
CA ASN C 50 3.25 -20.51 7.86
C ASN C 50 2.01 -20.20 7.04
N VAL C 51 1.05 -19.53 7.67
CA VAL C 51 -0.18 -19.18 6.98
C VAL C 51 -0.46 -17.68 6.98
N VAL C 52 -1.00 -17.19 5.88
CA VAL C 52 -1.37 -15.78 5.79
C VAL C 52 -2.83 -15.76 5.35
N SER C 53 -3.53 -14.69 5.67
CA SER C 53 -4.94 -14.58 5.25
C SER C 53 -5.02 -13.77 3.96
N GLY C 54 -3.96 -13.01 3.68
CA GLY C 54 -3.98 -12.13 2.54
C GLY C 54 -4.34 -10.72 3.00
N LEU C 55 -4.70 -10.55 4.27
CA LEU C 55 -5.03 -9.21 4.77
C LEU C 55 -3.77 -8.37 4.87
N LYS C 56 -3.90 -7.07 4.61
CA LYS C 56 -2.80 -6.11 4.71
C LYS C 56 -3.09 -5.11 5.85
N LYS C 57 -2.08 -4.33 6.19
CA LYS C 57 -2.22 -3.30 7.22
C LYS C 57 -2.39 -1.96 6.49
N PHE C 58 -3.15 -1.04 7.06
CA PHE C 58 -3.25 0.25 6.40
C PHE C 58 -1.85 0.83 6.35
N GLY C 59 -1.50 1.42 5.20
CA GLY C 59 -0.18 2.00 5.02
C GLY C 59 0.76 1.06 4.28
N ASP C 60 0.40 -0.22 4.15
CA ASP C 60 1.27 -1.16 3.44
C ASP C 60 1.51 -0.77 1.99
N ALA C 61 2.68 -1.14 1.52
CA ALA C 61 3.18 -0.84 0.18
C ALA C 61 2.40 -1.20 -1.08
N ASN C 62 1.83 -2.39 -1.17
CA ASN C 62 1.17 -2.69 -2.44
C ASN C 62 -0.34 -2.49 -2.53
N PHE C 63 -0.79 -1.36 -2.03
CA PHE C 63 -2.20 -0.99 -2.04
C PHE C 63 -2.58 -0.48 -3.42
N ASP C 64 -3.72 -0.92 -3.95
CA ASP C 64 -4.16 -0.45 -5.26
C ASP C 64 -5.20 0.64 -5.07
N PRO C 65 -4.79 1.91 -5.19
CA PRO C 65 -5.74 3.01 -5.02
C PRO C 65 -6.80 3.04 -6.11
N LEU C 66 -6.51 2.47 -7.26
CA LEU C 66 -7.47 2.46 -8.36
C LEU C 66 -8.77 1.72 -8.07
N THR C 67 -8.71 0.65 -7.30
CA THR C 67 -9.92 -0.11 -7.00
C THR C 67 -10.50 0.18 -5.61
N SER C 68 -9.97 1.20 -4.94
CA SER C 68 -10.39 1.54 -3.60
C SER C 68 -11.62 2.45 -3.43
N SER C 69 -12.28 2.32 -2.28
CA SER C 69 -13.42 3.15 -1.94
C SER C 69 -12.72 4.39 -1.37
N ALA C 70 -13.41 5.53 -1.28
CA ALA C 70 -12.75 6.73 -0.75
C ALA C 70 -12.36 6.57 0.72
N ASP C 71 -13.21 5.91 1.50
CA ASP C 71 -12.93 5.72 2.91
C ASP C 71 -11.66 4.87 3.11
N ASN C 72 -11.56 3.77 2.39
CA ASN C 72 -10.40 2.89 2.50
C ASN C 72 -9.11 3.61 2.05
N LEU C 73 -9.20 4.43 1.01
CA LEU C 73 -8.03 5.16 0.53
C LEU C 73 -7.60 6.19 1.58
N THR C 74 -8.58 6.85 2.18
CA THR C 74 -8.33 7.85 3.22
C THR C 74 -7.56 7.23 4.39
N LYS C 75 -8.02 6.09 4.86
CA LYS C 75 -7.34 5.41 5.95
C LYS C 75 -5.96 4.91 5.52
N GLN C 76 -5.85 4.48 4.27
CA GLN C 76 -4.59 3.97 3.74
C GLN C 76 -3.52 5.06 3.79
N ASN C 77 -3.95 6.28 3.53
CA ASN C 77 -3.03 7.42 3.50
C ASN C 77 -2.88 8.17 4.81
N ASP C 78 -3.75 7.89 5.77
CA ASP C 78 -3.68 8.59 7.05
C ASP C 78 -2.75 7.88 8.06
N ASP C 79 -1.73 8.58 8.52
CA ASP C 79 -0.80 8.00 9.50
C ASP C 79 -1.50 7.60 10.80
N ALA C 80 -2.64 8.19 11.10
CA ALA C 80 -3.36 7.83 12.33
C ALA C 80 -3.79 6.37 12.25
N TYR C 81 -3.94 5.85 11.05
CA TYR C 81 -4.36 4.46 10.87
C TYR C 81 -3.27 3.50 10.50
N LYS C 82 -2.04 3.99 10.34
CA LYS C 82 -0.95 3.13 9.91
C LYS C 82 -0.78 1.95 10.81
N GLY C 83 -0.68 0.77 10.22
CA GLY C 83 -0.49 -0.44 11.01
C GLY C 83 -1.78 -1.17 11.37
N LEU C 84 -2.91 -0.50 11.32
CA LEU C 84 -4.17 -1.19 11.64
C LEU C 84 -4.48 -2.13 10.49
N THR C 85 -5.05 -3.28 10.81
CA THR C 85 -5.40 -4.25 9.78
C THR C 85 -6.55 -3.68 8.90
N ASN C 86 -6.45 -3.85 7.58
CA ASN C 86 -7.46 -3.35 6.65
C ASN C 86 -8.36 -4.53 6.31
N LEU C 87 -9.51 -4.59 6.94
CA LEU C 87 -10.45 -5.66 6.71
C LEU C 87 -11.31 -5.38 5.48
N ASP C 88 -11.15 -4.20 4.90
CA ASP C 88 -11.96 -3.83 3.76
C ASP C 88 -11.27 -3.55 2.42
N GLU C 89 -10.13 -4.17 2.17
CA GLU C 89 -9.46 -3.94 0.90
C GLU C 89 -10.27 -4.54 -0.24
N LYS C 90 -10.36 -3.83 -1.35
CA LYS C 90 -11.13 -4.30 -2.50
C LYS C 90 -10.24 -4.63 -3.69
N GLY C 91 -10.67 -5.62 -4.47
CA GLY C 91 -9.91 -6.03 -5.64
C GLY C 91 -10.51 -5.53 -6.94
N THR C 92 -10.07 -6.13 -8.03
CA THR C 92 -10.50 -5.78 -9.38
C THR C 92 -11.86 -5.09 -9.52
N ASP C 93 -12.93 -5.88 -9.56
CA ASP C 93 -14.28 -5.35 -9.72
C ASP C 93 -14.70 -4.22 -8.80
N LYS C 94 -13.88 -3.91 -7.79
CA LYS C 94 -14.16 -2.82 -6.85
C LYS C 94 -15.36 -3.10 -5.93
N GLN C 95 -15.95 -4.28 -6.07
CA GLN C 95 -17.10 -4.68 -5.27
C GLN C 95 -16.76 -5.88 -4.38
N THR C 96 -15.94 -6.79 -4.92
CA THR C 96 -15.57 -8.01 -4.20
C THR C 96 -14.37 -7.81 -3.27
N PRO C 97 -14.49 -8.26 -2.03
CA PRO C 97 -13.40 -8.14 -1.06
C PRO C 97 -12.16 -8.87 -1.57
N VAL C 98 -11.00 -8.26 -1.46
CA VAL C 98 -9.79 -8.97 -1.87
C VAL C 98 -9.80 -10.31 -1.11
N VAL C 99 -9.94 -10.24 0.21
CA VAL C 99 -9.94 -11.43 1.03
C VAL C 99 -11.36 -11.79 1.38
N ALA C 100 -11.75 -13.02 1.07
CA ALA C 100 -13.10 -13.50 1.34
C ALA C 100 -13.33 -13.75 2.84
N ASP C 101 -14.59 -13.67 3.27
CA ASP C 101 -14.95 -13.90 4.66
C ASP C 101 -14.46 -15.26 5.15
N ASN C 102 -14.69 -16.28 4.34
CA ASN C 102 -14.33 -17.63 4.70
C ASN C 102 -12.88 -17.97 4.43
N THR C 103 -11.99 -17.23 5.12
CA THR C 103 -10.54 -17.37 5.04
C THR C 103 -10.01 -17.30 6.47
N ALA C 104 -9.16 -18.25 6.84
CA ALA C 104 -8.60 -18.25 8.18
C ALA C 104 -7.85 -16.95 8.47
N ALA C 105 -8.11 -16.38 9.64
CA ALA C 105 -7.44 -15.17 10.09
C ALA C 105 -6.18 -15.62 10.85
N THR C 106 -5.18 -14.75 10.91
CA THR C 106 -3.94 -15.09 11.60
C THR C 106 -3.65 -14.20 12.81
N VAL C 107 -2.67 -14.63 13.59
CA VAL C 107 -2.29 -13.86 14.76
C VAL C 107 -1.79 -12.45 14.36
N GLY C 108 -1.03 -12.39 13.26
CA GLY C 108 -0.55 -11.12 12.74
C GLY C 108 -1.76 -10.23 12.36
N ASP C 109 -2.83 -10.83 11.82
CA ASP C 109 -4.01 -10.00 11.55
C ASP C 109 -4.58 -9.46 12.89
N LEU C 110 -4.57 -10.29 13.95
CA LEU C 110 -5.07 -9.85 15.25
C LEU C 110 -4.24 -8.69 15.85
N ARG C 111 -2.93 -8.76 15.67
CA ARG C 111 -2.04 -7.74 16.17
C ARG C 111 -2.32 -6.36 15.57
N GLY C 112 -2.88 -6.30 14.38
CA GLY C 112 -3.17 -5.00 13.80
C GLY C 112 -4.60 -4.53 14.07
N LEU C 113 -5.37 -5.28 14.85
CA LEU C 113 -6.76 -4.90 15.14
C LEU C 113 -6.85 -3.71 16.08
N GLY C 114 -7.72 -2.74 15.78
CA GLY C 114 -7.88 -1.62 16.70
C GLY C 114 -8.72 -0.46 16.20
N TRP C 115 -9.04 0.47 17.11
CA TRP C 115 -9.81 1.65 16.71
C TRP C 115 -8.96 2.86 17.02
N VAL C 116 -9.28 3.99 16.40
CA VAL C 116 -8.54 5.23 16.63
C VAL C 116 -9.28 6.15 17.57
N ILE C 117 -8.54 6.68 18.55
CA ILE C 117 -9.13 7.61 19.50
C ILE C 117 -8.53 9.00 19.23
N SER C 118 -9.37 10.02 19.23
CA SER C 118 -8.89 11.36 18.97
C SER C 118 -9.61 12.43 19.77
N ALA C 119 -8.98 13.60 19.83
CA ALA C 119 -9.51 14.78 20.50
C ALA C 119 -8.95 15.97 19.73
N ASP C 120 -9.62 17.11 19.78
CA ASP C 120 -9.15 18.28 19.05
C ASP C 120 -7.99 18.95 19.73
N LYS C 121 -7.74 18.57 20.99
CA LYS C 121 -6.63 19.15 21.73
C LYS C 121 -5.76 18.12 22.44
N THR C 122 -4.46 18.39 22.46
CA THR C 122 -3.49 17.53 23.13
C THR C 122 -3.27 18.13 24.51
N THR C 123 -3.40 17.31 25.54
CA THR C 123 -3.23 17.80 26.89
C THR C 123 -1.86 18.47 27.07
N GLY C 124 -1.89 19.75 27.45
CA GLY C 124 -0.65 20.49 27.64
C GLY C 124 0.04 20.69 26.31
N GLY C 125 -0.69 20.49 25.23
CA GLY C 125 -0.11 20.65 23.91
C GLY C 125 -0.75 21.76 23.12
N SER C 126 -0.53 21.75 21.82
CA SER C 126 -1.08 22.79 20.94
C SER C 126 -1.57 22.21 19.63
N THR C 127 -1.61 20.89 19.55
CA THR C 127 -2.04 20.20 18.34
C THR C 127 -3.21 19.25 18.58
N GLU C 128 -3.72 18.68 17.50
CA GLU C 128 -4.82 17.74 17.62
C GLU C 128 -4.25 16.45 18.23
N TYR C 129 -5.11 15.60 18.79
CA TYR C 129 -4.62 14.35 19.36
C TYR C 129 -5.26 13.10 18.77
N HIS C 130 -4.46 12.04 18.65
CA HIS C 130 -4.96 10.76 18.19
C HIS C 130 -3.97 9.66 18.47
N ASP C 131 -4.48 8.47 18.68
CA ASP C 131 -3.65 7.30 18.91
C ASP C 131 -4.55 6.11 18.60
N GLN C 132 -3.95 4.93 18.53
CA GLN C 132 -4.68 3.71 18.24
C GLN C 132 -4.93 2.96 19.55
N VAL C 133 -6.07 2.30 19.62
CA VAL C 133 -6.41 1.51 20.79
C VAL C 133 -6.49 0.09 20.27
N ARG C 134 -5.41 -0.65 20.44
CA ARG C 134 -5.39 -2.03 19.99
C ARG C 134 -5.70 -2.94 21.17
N ASN C 135 -5.55 -4.25 20.99
CA ASN C 135 -5.84 -5.19 22.05
C ASN C 135 -4.96 -4.87 23.26
N ALA C 136 -5.55 -4.90 24.45
CA ALA C 136 -4.86 -4.63 25.69
C ALA C 136 -4.31 -3.21 25.87
N ASN C 137 -4.80 -2.26 25.08
CA ASN C 137 -4.46 -0.89 25.31
C ASN C 137 -5.51 -0.39 26.31
N GLU C 138 -5.19 0.68 27.01
CA GLU C 138 -6.08 1.23 28.02
C GLU C 138 -6.43 2.69 27.75
N VAL C 139 -7.70 3.03 27.93
CA VAL C 139 -8.16 4.40 27.71
C VAL C 139 -8.68 4.89 29.04
N LYS C 140 -8.20 6.06 29.46
CA LYS C 140 -8.63 6.57 30.73
C LYS C 140 -9.26 7.90 30.60
N PHE C 141 -10.43 8.04 31.21
CA PHE C 141 -11.18 9.30 31.18
C PHE C 141 -10.89 9.99 32.50
N LYS C 142 -10.14 11.09 32.43
CA LYS C 142 -9.67 11.83 33.62
C LYS C 142 -10.45 13.06 34.03
N SER C 143 -10.63 13.21 35.34
CA SER C 143 -11.30 14.37 35.88
C SER C 143 -10.34 15.53 35.68
N GLY C 144 -10.85 16.73 35.69
CA GLY C 144 -9.99 17.88 35.50
C GLY C 144 -10.61 18.99 36.32
N ASN C 145 -10.05 20.19 36.20
CA ASN C 145 -10.53 21.33 36.94
C ASN C 145 -12.02 21.61 36.78
N GLY C 146 -12.77 21.40 37.85
CA GLY C 146 -14.19 21.65 37.82
C GLY C 146 -15.09 20.58 37.26
N ILE C 147 -14.50 19.43 36.88
CA ILE C 147 -15.28 18.34 36.32
C ILE C 147 -14.87 16.99 36.91
N ASN C 148 -15.85 16.28 37.45
CA ASN C 148 -15.62 14.95 38.01
C ASN C 148 -16.03 13.89 36.98
N VAL C 149 -15.10 13.03 36.58
CA VAL C 149 -15.39 11.96 35.62
C VAL C 149 -15.30 10.62 36.34
N SER C 150 -16.41 9.89 36.40
CA SER C 150 -16.41 8.59 37.08
C SER C 150 -16.97 7.46 36.23
N GLY C 151 -16.64 6.23 36.61
CA GLY C 151 -17.09 5.09 35.86
C GLY C 151 -17.83 4.07 36.70
N LYS C 152 -18.59 3.24 36.03
CA LYS C 152 -19.35 2.23 36.71
C LYS C 152 -19.99 1.31 35.68
N THR C 153 -19.92 0.01 35.92
CA THR C 153 -20.54 -0.91 35.01
C THR C 153 -21.94 -1.23 35.53
N VAL C 154 -22.96 -0.82 34.78
CA VAL C 154 -24.36 -1.00 35.17
C VAL C 154 -25.14 -1.83 34.14
N ASN C 155 -25.58 -3.01 34.57
CA ASN C 155 -26.31 -3.93 33.70
C ASN C 155 -25.47 -4.18 32.44
N GLY C 156 -24.17 -4.42 32.64
CA GLY C 156 -23.28 -4.70 31.52
C GLY C 156 -22.69 -3.49 30.82
N ARG C 157 -23.38 -2.36 30.87
CA ARG C 157 -22.87 -1.18 30.22
C ARG C 157 -21.76 -0.53 31.04
N ARG C 158 -20.67 -0.17 30.35
CA ARG C 158 -19.54 0.47 31.00
C ARG C 158 -19.88 1.95 30.87
N GLU C 159 -20.40 2.51 31.95
CA GLU C 159 -20.83 3.89 31.92
C GLU C 159 -19.84 4.86 32.52
N ILE C 160 -19.52 5.91 31.77
CA ILE C 160 -18.64 6.97 32.27
C ILE C 160 -19.55 8.19 32.44
N THR C 161 -19.62 8.71 33.67
CA THR C 161 -20.47 9.84 33.96
C THR C 161 -19.68 11.12 34.13
N PHE C 162 -20.25 12.21 33.64
CA PHE C 162 -19.61 13.51 33.68
C PHE C 162 -20.45 14.55 34.44
N GLU C 163 -19.89 15.12 35.51
CA GLU C 163 -20.63 16.10 36.30
C GLU C 163 -19.78 17.24 36.79
N LEU C 164 -20.44 18.30 37.23
CA LEU C 164 -19.72 19.45 37.75
C LEU C 164 -19.19 19.10 39.14
N ALA C 165 -17.93 19.44 39.39
CA ALA C 165 -17.29 19.17 40.68
C ALA C 165 -17.51 20.34 41.62
N LYS C 166 -17.30 20.09 42.92
CA LYS C 166 -17.44 21.07 43.99
C LYS C 166 -18.88 21.57 44.10
N ALA D 9 18.07 32.31 10.65
CA ALA D 9 17.18 32.00 9.48
C ALA D 9 16.44 33.25 9.02
N LYS D 10 17.13 34.13 8.29
CA LYS D 10 16.52 35.36 7.80
C LYS D 10 15.33 35.14 6.88
N THR D 11 14.24 35.84 7.17
CA THR D 11 13.05 35.78 6.32
C THR D 11 12.80 37.22 5.90
N GLU D 12 13.16 37.53 4.66
CA GLU D 12 13.02 38.88 4.15
C GLU D 12 11.97 38.94 3.06
N ILE D 13 11.39 40.13 2.89
CA ILE D 13 10.38 40.34 1.87
C ILE D 13 10.47 41.76 1.31
N ASN D 14 10.64 41.86 -0.01
CA ASN D 14 10.72 43.14 -0.69
C ASN D 14 9.81 43.05 -1.89
N LYS D 15 9.92 43.99 -2.82
CA LYS D 15 9.04 44.00 -4.00
C LYS D 15 9.24 42.83 -4.92
N ASP D 16 10.42 42.23 -4.88
CA ASP D 16 10.68 41.11 -5.76
C ASP D 16 10.17 39.79 -5.21
N GLY D 17 9.80 39.79 -3.92
CA GLY D 17 9.29 38.57 -3.33
C GLY D 17 9.81 38.20 -1.95
N LEU D 18 9.70 36.91 -1.66
CA LEU D 18 10.09 36.37 -0.37
C LEU D 18 11.29 35.46 -0.43
N THR D 19 12.20 35.61 0.52
CA THR D 19 13.36 34.75 0.57
C THR D 19 13.67 34.39 2.00
N ILE D 20 14.09 33.15 2.18
CA ILE D 20 14.43 32.64 3.49
C ILE D 20 15.84 32.11 3.43
N THR D 21 16.74 32.71 4.20
CA THR D 21 18.12 32.29 4.22
C THR D 21 18.39 31.51 5.50
N PRO D 22 18.74 30.23 5.36
CA PRO D 22 19.03 29.32 6.47
C PRO D 22 19.94 29.91 7.55
N ALA D 23 19.70 29.48 8.78
CA ALA D 23 20.50 29.96 9.90
C ALA D 23 21.98 29.83 9.57
N ASN D 24 22.31 29.06 8.54
CA ASN D 24 23.70 28.83 8.17
C ASN D 24 24.24 29.43 6.88
N GLY D 25 23.47 30.29 6.23
CA GLY D 25 23.95 30.91 5.00
C GLY D 25 23.18 30.65 3.72
N ALA D 26 23.22 31.62 2.82
CA ALA D 26 22.53 31.52 1.54
C ALA D 26 23.22 30.51 0.65
N GLY D 27 24.39 30.05 1.08
CA GLY D 27 25.13 29.07 0.29
C GLY D 27 25.79 29.69 -0.93
N ALA D 28 26.31 28.84 -1.81
CA ALA D 28 26.98 29.28 -3.02
C ALA D 28 26.10 30.16 -3.88
N ASN D 29 25.65 29.62 -5.02
CA ASN D 29 24.80 30.38 -5.93
C ASN D 29 23.44 30.60 -5.28
N ASN D 30 23.44 30.81 -3.97
CA ASN D 30 22.19 31.00 -3.22
C ASN D 30 21.44 29.68 -3.27
N ALA D 31 22.20 28.59 -3.25
CA ALA D 31 21.61 27.25 -3.31
C ALA D 31 20.84 26.89 -2.06
N ASN D 32 21.27 27.41 -0.91
CA ASN D 32 20.59 27.10 0.33
C ASN D 32 19.40 28.00 0.63
N THR D 33 19.15 28.99 -0.23
CA THR D 33 18.04 29.88 0.02
C THR D 33 16.77 29.30 -0.56
N ILE D 34 15.72 29.29 0.24
CA ILE D 34 14.45 28.79 -0.18
C ILE D 34 13.64 30.07 -0.39
N SER D 35 13.17 30.28 -1.62
CA SER D 35 12.47 31.51 -1.96
C SER D 35 11.42 31.46 -3.06
N VAL D 36 10.66 32.55 -3.15
CA VAL D 36 9.62 32.73 -4.15
C VAL D 36 9.80 34.20 -4.55
N THR D 37 10.48 34.41 -5.66
CA THR D 37 10.76 35.77 -6.15
C THR D 37 10.47 35.91 -7.65
N LYS D 38 10.73 37.08 -8.21
CA LYS D 38 10.47 37.30 -9.63
C LYS D 38 11.43 36.49 -10.49
N ASP D 39 12.42 35.87 -9.86
CA ASP D 39 13.37 35.07 -10.59
C ASP D 39 13.02 33.58 -10.47
N GLY D 40 11.77 33.31 -10.11
CA GLY D 40 11.33 31.95 -9.95
C GLY D 40 11.24 31.45 -8.52
N ILE D 41 11.38 30.13 -8.36
CA ILE D 41 11.30 29.50 -7.06
C ILE D 41 12.53 28.67 -6.75
N SER D 42 12.98 28.74 -5.50
CA SER D 42 14.13 27.97 -5.06
C SER D 42 13.77 27.22 -3.80
N ALA D 43 14.17 25.95 -3.72
CA ALA D 43 13.86 25.10 -2.58
C ALA D 43 15.03 24.92 -1.61
N GLY D 44 16.13 25.61 -1.89
CA GLY D 44 17.28 25.53 -1.04
C GLY D 44 17.76 24.13 -0.68
N GLY D 45 17.81 23.24 -1.67
CA GLY D 45 18.28 21.89 -1.41
C GLY D 45 17.26 21.00 -0.72
N GLN D 46 16.04 21.50 -0.58
CA GLN D 46 14.95 20.76 0.06
C GLN D 46 14.03 20.28 -1.06
N SER D 47 12.85 19.78 -0.71
CA SER D 47 11.93 19.30 -1.75
C SER D 47 10.59 20.00 -1.72
N VAL D 48 9.82 19.84 -2.79
CA VAL D 48 8.47 20.42 -2.86
C VAL D 48 7.53 19.25 -2.56
N LYS D 49 6.86 19.31 -1.42
CA LYS D 49 5.98 18.23 -0.97
C LYS D 49 4.52 18.56 -1.08
N ASN D 50 3.68 17.56 -0.87
CA ASN D 50 2.22 17.73 -0.96
C ASN D 50 1.76 18.42 -2.24
N VAL D 51 2.35 17.96 -3.37
CA VAL D 51 2.06 18.48 -4.69
C VAL D 51 1.64 17.35 -5.66
N VAL D 52 0.68 17.66 -6.53
CA VAL D 52 0.22 16.71 -7.51
C VAL D 52 0.23 17.46 -8.84
N SER D 53 0.43 16.72 -9.91
CA SER D 53 0.46 17.28 -11.26
C SER D 53 -0.94 17.34 -11.84
N GLY D 54 -1.79 16.42 -11.42
CA GLY D 54 -3.14 16.36 -11.95
C GLY D 54 -3.23 15.15 -12.89
N LEU D 55 -2.08 14.51 -13.15
CA LEU D 55 -2.07 13.33 -14.02
C LEU D 55 -2.75 12.14 -13.37
N LYS D 56 -3.63 11.46 -14.10
CA LYS D 56 -4.31 10.27 -13.59
C LYS D 56 -3.57 9.03 -14.10
N LYS D 57 -3.96 7.85 -13.61
CA LYS D 57 -3.38 6.58 -14.04
C LYS D 57 -4.43 5.93 -14.92
N PHE D 58 -4.03 5.12 -15.90
CA PHE D 58 -5.06 4.47 -16.71
C PHE D 58 -5.83 3.54 -15.77
N GLY D 59 -7.16 3.60 -15.85
CA GLY D 59 -7.99 2.79 -14.98
C GLY D 59 -8.66 3.64 -13.89
N ASP D 60 -8.25 4.91 -13.78
CA ASP D 60 -8.81 5.83 -12.78
C ASP D 60 -10.32 6.05 -12.99
N ALA D 61 -11.12 5.84 -11.95
CA ALA D 61 -12.56 6.01 -12.07
C ALA D 61 -13.04 7.44 -12.37
N ASN D 62 -12.22 8.44 -12.10
CA ASN D 62 -12.60 9.84 -12.39
C ASN D 62 -12.48 10.21 -13.87
N PHE D 63 -12.13 9.22 -14.70
CA PHE D 63 -11.98 9.39 -16.15
C PHE D 63 -13.35 9.64 -16.79
N ASP D 64 -13.41 10.62 -17.70
CA ASP D 64 -14.63 10.92 -18.43
C ASP D 64 -14.51 10.29 -19.81
N PRO D 65 -15.27 9.22 -20.07
CA PRO D 65 -15.26 8.49 -21.35
C PRO D 65 -15.76 9.29 -22.54
N LEU D 66 -16.58 10.30 -22.28
CA LEU D 66 -17.18 11.08 -23.36
C LEU D 66 -16.30 12.12 -24.00
N THR D 67 -15.22 12.48 -23.32
CA THR D 67 -14.31 13.47 -23.87
C THR D 67 -12.99 12.85 -24.32
N SER D 68 -12.96 11.52 -24.39
CA SER D 68 -11.75 10.79 -24.75
C SER D 68 -11.56 10.37 -26.21
N SER D 69 -10.31 10.27 -26.63
CA SER D 69 -9.98 9.80 -27.98
C SER D 69 -10.19 8.30 -27.87
N ALA D 70 -10.38 7.61 -29.00
CA ALA D 70 -10.58 6.16 -28.96
C ALA D 70 -9.36 5.46 -28.36
N ASP D 71 -8.17 5.95 -28.70
CA ASP D 71 -6.92 5.35 -28.21
C ASP D 71 -6.78 5.46 -26.69
N ASN D 72 -7.03 6.66 -26.16
CA ASN D 72 -6.93 6.88 -24.73
C ASN D 72 -7.97 6.01 -24.02
N LEU D 73 -9.16 5.99 -24.60
CA LEU D 73 -10.28 5.24 -24.05
C LEU D 73 -9.98 3.76 -24.03
N THR D 74 -9.38 3.27 -25.10
CA THR D 74 -9.00 1.86 -25.19
C THR D 74 -8.01 1.51 -24.07
N LYS D 75 -7.00 2.36 -23.89
CA LYS D 75 -6.00 2.11 -22.86
C LYS D 75 -6.65 2.18 -21.48
N GLN D 76 -7.59 3.11 -21.34
CA GLN D 76 -8.31 3.31 -20.08
C GLN D 76 -8.91 2.02 -19.53
N ASN D 77 -9.50 1.18 -20.38
CA ASN D 77 -10.09 -0.03 -19.85
C ASN D 77 -9.38 -1.32 -20.26
N ASP D 78 -8.14 -1.19 -20.73
CA ASP D 78 -7.36 -2.35 -21.10
C ASP D 78 -6.51 -2.69 -19.89
N ASP D 79 -6.73 -3.87 -19.31
CA ASP D 79 -5.98 -4.25 -18.12
C ASP D 79 -4.47 -4.25 -18.35
N ALA D 80 -4.06 -4.29 -19.61
CA ALA D 80 -2.63 -4.26 -19.94
C ALA D 80 -2.03 -2.90 -19.56
N TYR D 81 -2.84 -1.85 -19.61
CA TYR D 81 -2.37 -0.49 -19.29
C TYR D 81 -2.66 -0.02 -17.87
N LYS D 82 -3.41 -0.80 -17.12
CA LYS D 82 -3.79 -0.42 -15.75
C LYS D 82 -2.67 0.10 -14.88
N GLY D 83 -2.82 1.34 -14.41
CA GLY D 83 -1.81 1.92 -13.52
C GLY D 83 -0.73 2.73 -14.19
N LEU D 84 -0.65 2.69 -15.52
CA LEU D 84 0.37 3.46 -16.18
C LEU D 84 -0.12 4.90 -16.18
N THR D 85 0.83 5.82 -16.08
CA THR D 85 0.47 7.22 -16.08
C THR D 85 -0.16 7.56 -17.44
N ASN D 86 -1.31 8.22 -17.39
CA ASN D 86 -2.01 8.63 -18.60
C ASN D 86 -1.60 10.07 -18.92
N LEU D 87 -0.57 10.23 -19.75
CA LEU D 87 -0.09 11.55 -20.12
C LEU D 87 -0.96 12.23 -21.18
N ASP D 88 -2.00 11.57 -21.66
CA ASP D 88 -2.83 12.17 -22.71
C ASP D 88 -4.28 12.48 -22.40
N GLU D 89 -4.68 12.49 -21.13
CA GLU D 89 -6.08 12.77 -20.84
C GLU D 89 -6.47 14.13 -21.42
N LYS D 90 -7.60 14.17 -22.12
CA LYS D 90 -8.08 15.41 -22.75
C LYS D 90 -9.30 15.94 -22.00
N GLY D 91 -9.45 17.26 -21.99
CA GLY D 91 -10.57 17.88 -21.31
C GLY D 91 -11.87 17.88 -22.09
N THR D 92 -12.87 18.58 -21.57
CA THR D 92 -14.19 18.67 -22.23
C THR D 92 -13.98 19.20 -23.63
N ASP D 93 -12.96 20.05 -23.74
CA ASP D 93 -12.55 20.65 -24.98
C ASP D 93 -12.39 19.52 -26.01
N LYS D 94 -12.05 18.33 -25.51
CA LYS D 94 -11.85 17.16 -26.35
C LYS D 94 -10.57 17.26 -27.15
N GLN D 95 -9.81 18.33 -26.92
CA GLN D 95 -8.55 18.59 -27.64
C GLN D 95 -7.53 19.19 -26.68
N THR D 96 -8.02 19.89 -25.66
CA THR D 96 -7.14 20.52 -24.67
C THR D 96 -6.72 19.52 -23.60
N PRO D 97 -5.40 19.31 -23.45
CA PRO D 97 -4.82 18.40 -22.46
C PRO D 97 -5.23 18.87 -21.08
N VAL D 98 -5.70 17.95 -20.24
CA VAL D 98 -6.10 18.32 -18.89
C VAL D 98 -4.91 18.84 -18.09
N VAL D 99 -3.72 18.33 -18.38
CA VAL D 99 -2.55 18.80 -17.67
C VAL D 99 -1.57 19.39 -18.67
N ALA D 100 -1.22 20.64 -18.44
CA ALA D 100 -0.32 21.36 -19.31
C ALA D 100 1.10 20.84 -19.18
N ASP D 101 1.87 21.07 -20.23
CA ASP D 101 3.27 20.65 -20.26
C ASP D 101 4.08 21.29 -19.14
N ASN D 102 3.86 22.59 -18.94
CA ASN D 102 4.59 23.32 -17.92
C ASN D 102 3.96 23.21 -16.55
N THR D 103 3.93 21.97 -16.05
CA THR D 103 3.39 21.65 -14.73
C THR D 103 4.38 20.70 -14.09
N ALA D 104 4.67 20.92 -12.82
CA ALA D 104 5.64 20.09 -12.12
C ALA D 104 5.18 18.65 -12.12
N ALA D 105 6.10 17.75 -12.45
CA ALA D 105 5.83 16.32 -12.45
C ALA D 105 6.20 15.80 -11.06
N THR D 106 5.51 14.77 -10.60
CA THR D 106 5.78 14.20 -9.28
C THR D 106 6.37 12.80 -9.32
N VAL D 107 6.87 12.34 -8.18
CA VAL D 107 7.44 11.02 -8.13
C VAL D 107 6.31 10.00 -8.42
N GLY D 108 5.11 10.32 -7.96
CA GLY D 108 3.98 9.44 -8.20
C GLY D 108 3.74 9.29 -9.69
N ASP D 109 3.98 10.37 -10.44
CA ASP D 109 3.81 10.28 -11.89
C ASP D 109 4.93 9.41 -12.46
N LEU D 110 6.13 9.54 -11.94
CA LEU D 110 7.24 8.72 -12.44
C LEU D 110 6.99 7.25 -12.18
N ARG D 111 6.34 6.95 -11.06
CA ARG D 111 6.08 5.57 -10.71
C ARG D 111 5.14 4.88 -11.68
N GLY D 112 4.36 5.65 -12.42
CA GLY D 112 3.43 5.06 -13.38
C GLY D 112 3.96 5.02 -14.80
N LEU D 113 5.16 5.57 -15.04
CA LEU D 113 5.72 5.58 -16.38
C LEU D 113 6.10 4.19 -16.82
N GLY D 114 5.76 3.85 -18.06
CA GLY D 114 6.11 2.55 -18.57
C GLY D 114 5.57 2.20 -19.94
N TRP D 115 6.18 1.19 -20.56
CA TRP D 115 5.69 0.76 -21.86
C TRP D 115 5.14 -0.65 -21.74
N VAL D 116 4.33 -1.04 -22.71
CA VAL D 116 3.76 -2.36 -22.69
C VAL D 116 4.52 -3.28 -23.64
N ILE D 117 4.95 -4.44 -23.12
CA ILE D 117 5.62 -5.42 -23.97
C ILE D 117 4.58 -6.54 -24.21
N SER D 118 4.55 -7.10 -25.41
CA SER D 118 3.57 -8.16 -25.69
C SER D 118 4.01 -9.19 -26.74
N ALA D 119 3.28 -10.31 -26.78
CA ALA D 119 3.54 -11.40 -27.72
C ALA D 119 2.24 -12.16 -27.99
N ASP D 120 2.10 -12.70 -29.20
CA ASP D 120 0.89 -13.45 -29.57
C ASP D 120 0.77 -14.70 -28.71
N LYS D 121 1.91 -15.20 -28.23
CA LYS D 121 1.92 -16.42 -27.43
C LYS D 121 2.61 -16.29 -26.07
N THR D 122 2.23 -17.15 -25.14
CA THR D 122 2.82 -17.18 -23.81
C THR D 122 3.68 -18.44 -23.72
N THR D 123 4.91 -18.28 -23.25
CA THR D 123 5.83 -19.40 -23.14
C THR D 123 5.23 -20.45 -22.22
N GLY D 124 5.07 -21.66 -22.76
CA GLY D 124 4.51 -22.76 -22.01
C GLY D 124 3.01 -22.64 -21.76
N GLY D 125 2.36 -21.72 -22.46
CA GLY D 125 0.92 -21.53 -22.26
C GLY D 125 0.10 -21.50 -23.53
N SER D 126 -1.08 -20.89 -23.47
CA SER D 126 -1.98 -20.83 -24.62
C SER D 126 -2.69 -19.48 -24.81
N THR D 127 -2.20 -18.43 -24.18
CA THR D 127 -2.82 -17.13 -24.30
C THR D 127 -1.81 -16.12 -24.79
N GLU D 128 -2.29 -14.92 -25.13
CA GLU D 128 -1.38 -13.89 -25.57
C GLU D 128 -0.64 -13.42 -24.33
N TYR D 129 0.48 -12.74 -24.54
CA TYR D 129 1.27 -12.25 -23.43
C TYR D 129 1.43 -10.73 -23.43
N HIS D 130 1.49 -10.17 -22.24
CA HIS D 130 1.72 -8.75 -22.11
C HIS D 130 1.99 -8.41 -20.67
N ASP D 131 2.81 -7.39 -20.49
CA ASP D 131 3.15 -6.95 -19.16
C ASP D 131 3.65 -5.53 -19.32
N GLN D 132 3.94 -4.88 -18.21
CA GLN D 132 4.44 -3.53 -18.27
C GLN D 132 5.94 -3.50 -17.99
N VAL D 133 6.63 -2.59 -18.64
CA VAL D 133 8.06 -2.44 -18.40
C VAL D 133 8.17 -1.02 -17.90
N ARG D 134 8.20 -0.87 -16.57
CA ARG D 134 8.31 0.44 -15.96
C ARG D 134 9.77 0.61 -15.56
N ASN D 135 10.07 1.70 -14.86
CA ASN D 135 11.43 1.95 -14.45
C ASN D 135 12.03 0.77 -13.66
N ALA D 136 13.29 0.44 -13.97
CA ALA D 136 14.01 -0.65 -13.31
C ALA D 136 13.42 -2.05 -13.53
N ASN D 137 12.61 -2.19 -14.56
CA ASN D 137 12.10 -3.51 -14.91
C ASN D 137 13.14 -4.06 -15.89
N GLU D 138 13.13 -5.37 -16.07
CA GLU D 138 14.07 -6.02 -16.98
C GLU D 138 13.40 -6.86 -18.07
N VAL D 139 13.86 -6.68 -19.31
CA VAL D 139 13.36 -7.45 -20.43
C VAL D 139 14.51 -8.32 -20.94
N LYS D 140 14.29 -9.61 -20.96
CA LYS D 140 15.35 -10.50 -21.42
C LYS D 140 14.96 -11.20 -22.70
N PHE D 141 15.90 -11.27 -23.63
CA PHE D 141 15.64 -11.97 -24.88
C PHE D 141 16.32 -13.34 -24.85
N LYS D 142 15.48 -14.36 -24.83
CA LYS D 142 15.96 -15.72 -24.72
C LYS D 142 16.01 -16.52 -26.00
N SER D 143 17.09 -17.26 -26.15
CA SER D 143 17.21 -18.10 -27.32
C SER D 143 16.44 -19.37 -26.94
N GLY D 144 15.94 -20.08 -27.94
CA GLY D 144 15.22 -21.29 -27.68
C GLY D 144 15.73 -22.33 -28.65
N ASN D 145 14.97 -23.41 -28.81
CA ASN D 145 15.38 -24.46 -29.73
C ASN D 145 15.64 -23.97 -31.15
N GLY D 146 16.88 -24.17 -31.62
CA GLY D 146 17.25 -23.80 -32.96
C GLY D 146 17.57 -22.35 -33.25
N ILE D 147 17.43 -21.48 -32.25
CA ILE D 147 17.69 -20.06 -32.44
C ILE D 147 18.58 -19.50 -31.34
N ASN D 148 19.64 -18.82 -31.74
CA ASN D 148 20.55 -18.19 -30.80
C ASN D 148 20.28 -16.70 -30.75
N VAL D 149 19.96 -16.21 -29.55
CA VAL D 149 19.69 -14.80 -29.36
C VAL D 149 20.82 -14.26 -28.50
N SER D 150 21.48 -13.22 -28.98
CA SER D 150 22.60 -12.65 -28.24
C SER D 150 22.55 -11.12 -28.27
N GLY D 151 23.26 -10.51 -27.33
CA GLY D 151 23.27 -9.07 -27.26
C GLY D 151 24.67 -8.49 -27.23
N LYS D 152 24.75 -7.21 -27.58
CA LYS D 152 26.00 -6.50 -27.60
C LYS D 152 25.67 -5.03 -27.82
N THR D 153 26.30 -4.15 -27.06
CA THR D 153 26.04 -2.74 -27.27
C THR D 153 27.12 -2.26 -28.23
N VAL D 154 26.70 -1.75 -29.37
CA VAL D 154 27.61 -1.29 -30.42
C VAL D 154 27.41 0.16 -30.78
N ASN D 155 28.45 0.94 -30.49
CA ASN D 155 28.43 2.38 -30.74
C ASN D 155 27.16 2.96 -30.09
N GLY D 156 26.97 2.61 -28.82
CA GLY D 156 25.82 3.10 -28.07
C GLY D 156 24.50 2.35 -28.26
N ARG D 157 24.39 1.63 -29.37
CA ARG D 157 23.16 0.87 -29.66
C ARG D 157 23.10 -0.50 -29.01
N ARG D 158 21.99 -0.76 -28.33
CA ARG D 158 21.76 -2.04 -27.68
C ARG D 158 21.25 -2.90 -28.83
N GLU D 159 22.08 -3.83 -29.30
CA GLU D 159 21.69 -4.67 -30.42
C GLU D 159 21.44 -6.11 -30.00
N ILE D 160 20.30 -6.62 -30.41
CA ILE D 160 19.97 -7.99 -30.09
C ILE D 160 20.00 -8.68 -31.44
N THR D 161 20.77 -9.76 -31.51
CA THR D 161 20.93 -10.52 -32.75
C THR D 161 20.27 -11.89 -32.75
N PHE D 162 19.62 -12.22 -33.86
CA PHE D 162 18.94 -13.49 -33.98
C PHE D 162 19.52 -14.31 -35.13
N GLU D 163 19.94 -15.53 -34.84
CA GLU D 163 20.48 -16.41 -35.88
C GLU D 163 20.20 -17.88 -35.58
N LEU D 164 20.22 -18.70 -36.63
CA LEU D 164 19.97 -20.13 -36.46
C LEU D 164 21.15 -20.77 -35.77
N ALA D 165 20.87 -21.62 -34.80
CA ALA D 165 21.91 -22.32 -34.06
C ALA D 165 22.47 -23.45 -34.91
N LYS D 166 23.67 -23.92 -34.56
CA LYS D 166 24.31 -25.00 -35.30
C LYS D 166 23.37 -26.20 -35.47
N ALA E 9 7.42 46.16 -10.59
CA ALA E 9 7.65 44.86 -9.90
C ALA E 9 7.08 44.91 -8.48
N LYS E 10 6.00 44.18 -8.23
CA LYS E 10 5.38 44.21 -6.92
C LYS E 10 5.01 42.86 -6.33
N THR E 11 4.90 42.82 -5.00
CA THR E 11 4.52 41.61 -4.27
C THR E 11 3.26 41.92 -3.45
N GLU E 12 2.20 41.14 -3.68
CA GLU E 12 0.92 41.32 -2.98
C GLU E 12 0.54 40.14 -2.07
N ILE E 13 -0.19 40.46 -1.01
CA ILE E 13 -0.67 39.45 -0.06
C ILE E 13 -2.14 39.70 0.15
N ASN E 14 -2.96 38.69 -0.01
CA ASN E 14 -4.40 38.85 0.19
C ASN E 14 -5.02 37.62 0.81
N LYS E 15 -6.33 37.47 0.66
CA LYS E 15 -7.04 36.31 1.21
C LYS E 15 -6.46 35.01 0.66
N ASP E 16 -6.29 34.97 -0.65
CA ASP E 16 -5.80 33.81 -1.36
C ASP E 16 -4.32 33.45 -1.16
N GLY E 17 -3.46 34.44 -0.94
CA GLY E 17 -2.05 34.16 -0.75
C GLY E 17 -1.08 35.23 -1.23
N LEU E 18 0.15 34.82 -1.54
CA LEU E 18 1.19 35.73 -1.99
C LEU E 18 1.43 35.69 -3.50
N THR E 19 1.40 36.86 -4.13
CA THR E 19 1.60 36.96 -5.58
C THR E 19 2.65 38.01 -5.94
N ILE E 20 3.62 37.61 -6.74
CA ILE E 20 4.68 38.50 -7.18
C ILE E 20 4.44 38.78 -8.65
N THR E 21 4.46 40.05 -9.03
CA THR E 21 4.25 40.43 -10.42
C THR E 21 5.52 41.08 -10.94
N PRO E 22 6.12 40.50 -11.99
CA PRO E 22 7.35 41.01 -12.61
C PRO E 22 7.12 42.44 -13.07
N ALA E 23 8.21 43.18 -13.24
CA ALA E 23 8.09 44.55 -13.70
C ALA E 23 7.30 44.57 -15.02
N ASN E 24 7.39 43.49 -15.79
CA ASN E 24 6.70 43.42 -17.08
C ASN E 24 5.20 43.08 -17.12
N GLY E 25 4.52 43.10 -15.99
CA GLY E 25 3.09 42.82 -16.00
C GLY E 25 2.68 41.40 -15.62
N ALA E 26 1.38 41.20 -15.47
CA ALA E 26 0.86 39.88 -15.09
C ALA E 26 0.95 38.82 -16.19
N GLY E 27 0.89 39.25 -17.44
CA GLY E 27 0.92 38.30 -18.53
C GLY E 27 -0.45 37.65 -18.61
N ALA E 28 -0.81 37.17 -19.80
CA ALA E 28 -2.09 36.53 -20.02
C ALA E 28 -2.39 35.45 -18.97
N ASN E 29 -3.57 35.54 -18.37
CA ASN E 29 -3.99 34.57 -17.37
C ASN E 29 -2.95 34.44 -16.24
N ASN E 30 -2.29 35.55 -15.92
CA ASN E 30 -1.28 35.59 -14.87
C ASN E 30 -0.21 34.52 -15.01
N ALA E 31 0.23 34.27 -16.23
CA ALA E 31 1.25 33.26 -16.44
C ALA E 31 2.63 33.81 -16.09
N ASN E 32 2.76 35.13 -16.05
CA ASN E 32 4.04 35.74 -15.71
C ASN E 32 4.26 35.95 -14.22
N THR E 33 3.20 35.80 -13.43
CA THR E 33 3.32 35.98 -11.99
C THR E 33 3.92 34.76 -11.31
N ILE E 34 4.68 35.00 -10.26
CA ILE E 34 5.28 33.93 -9.47
C ILE E 34 4.43 34.00 -8.21
N SER E 35 3.89 32.89 -7.77
CA SER E 35 3.03 32.94 -6.60
C SER E 35 2.82 31.64 -5.84
N VAL E 36 2.32 31.81 -4.63
CA VAL E 36 2.00 30.72 -3.75
C VAL E 36 0.65 31.07 -3.13
N THR E 37 -0.40 30.40 -3.58
CA THR E 37 -1.72 30.65 -3.04
C THR E 37 -2.45 29.36 -2.71
N LYS E 38 -3.68 29.49 -2.23
CA LYS E 38 -4.46 28.34 -1.86
C LYS E 38 -4.75 27.44 -3.07
N ASP E 39 -4.76 28.03 -4.26
CA ASP E 39 -5.03 27.25 -5.46
C ASP E 39 -3.79 26.62 -6.05
N GLY E 40 -2.64 26.86 -5.43
CA GLY E 40 -1.43 26.28 -5.97
C GLY E 40 -0.26 27.26 -6.10
N ILE E 41 0.81 26.80 -6.71
CA ILE E 41 2.03 27.58 -6.91
C ILE E 41 2.28 27.86 -8.39
N SER E 42 2.67 29.10 -8.73
CA SER E 42 2.96 29.46 -10.11
C SER E 42 4.41 29.92 -10.21
N ALA E 43 5.18 29.36 -11.14
CA ALA E 43 6.58 29.73 -11.26
C ALA E 43 6.83 30.82 -12.31
N GLY E 44 5.74 31.39 -12.80
CA GLY E 44 5.80 32.46 -13.79
C GLY E 44 6.71 32.21 -14.98
N GLY E 45 6.68 30.99 -15.51
CA GLY E 45 7.52 30.68 -16.66
C GLY E 45 8.95 30.38 -16.28
N GLN E 46 9.29 30.46 -14.99
CA GLN E 46 10.65 30.16 -14.55
C GLN E 46 10.71 28.68 -14.14
N SER E 47 11.74 28.32 -13.41
CA SER E 47 11.90 26.96 -12.97
C SER E 47 11.97 26.90 -11.46
N VAL E 48 11.92 25.68 -10.93
CA VAL E 48 12.05 25.49 -9.50
C VAL E 48 13.47 24.97 -9.43
N LYS E 49 14.35 25.71 -8.77
CA LYS E 49 15.75 25.32 -8.68
C LYS E 49 16.13 24.84 -7.31
N ASN E 50 17.35 24.31 -7.20
CA ASN E 50 17.83 23.80 -5.92
C ASN E 50 16.70 23.00 -5.25
N VAL E 51 16.17 22.01 -5.96
CA VAL E 51 15.11 21.13 -5.48
C VAL E 51 15.65 19.71 -5.55
N VAL E 52 15.31 18.92 -4.55
CA VAL E 52 15.75 17.55 -4.49
C VAL E 52 14.44 16.81 -4.21
N SER E 53 14.31 15.57 -4.68
CA SER E 53 13.09 14.81 -4.45
C SER E 53 13.34 13.82 -3.34
N GLY E 54 14.60 13.44 -3.17
CA GLY E 54 14.95 12.46 -2.16
C GLY E 54 15.15 11.07 -2.78
N LEU E 55 14.88 10.96 -4.08
CA LEU E 55 15.05 9.68 -4.79
C LEU E 55 16.52 9.34 -5.01
N LYS E 56 16.95 8.20 -4.51
CA LYS E 56 18.34 7.78 -4.68
C LYS E 56 18.45 6.93 -5.97
N LYS E 57 19.66 6.51 -6.29
CA LYS E 57 19.85 5.66 -7.45
C LYS E 57 20.26 4.30 -6.92
N PHE E 58 20.04 3.25 -7.69
CA PHE E 58 20.45 1.92 -7.24
C PHE E 58 22.00 1.91 -7.13
N GLY E 59 22.50 1.37 -6.04
CA GLY E 59 23.94 1.33 -5.81
C GLY E 59 24.42 2.43 -4.86
N ASP E 60 23.57 3.43 -4.60
CA ASP E 60 23.93 4.53 -3.71
C ASP E 60 24.26 4.04 -2.30
N ALA E 61 25.30 4.62 -1.71
CA ALA E 61 25.84 4.26 -0.40
C ALA E 61 24.96 4.30 0.85
N ASN E 62 23.97 5.16 0.91
CA ASN E 62 23.17 5.22 2.13
C ASN E 62 21.91 4.35 2.12
N PHE E 63 22.00 3.19 1.48
CA PHE E 63 20.87 2.27 1.38
C PHE E 63 20.84 1.41 2.63
N ASP E 64 19.65 1.14 3.14
CA ASP E 64 19.51 0.31 4.33
C ASP E 64 18.99 -1.07 3.98
N PRO E 65 19.90 -2.05 3.86
CA PRO E 65 19.55 -3.43 3.53
C PRO E 65 18.44 -3.99 4.39
N LEU E 66 18.48 -3.67 5.68
CA LEU E 66 17.52 -4.21 6.63
C LEU E 66 16.05 -3.87 6.48
N THR E 67 15.73 -2.79 5.79
CA THR E 67 14.33 -2.41 5.65
C THR E 67 13.87 -2.60 4.22
N SER E 68 14.67 -3.30 3.44
CA SER E 68 14.37 -3.52 2.03
C SER E 68 13.59 -4.76 1.67
N SER E 69 12.89 -4.67 0.55
CA SER E 69 12.13 -5.81 0.03
C SER E 69 13.19 -6.62 -0.75
N ALA E 70 12.87 -7.87 -1.06
CA ALA E 70 13.79 -8.73 -1.78
C ALA E 70 14.14 -8.11 -3.14
N ASP E 71 13.13 -7.63 -3.83
CA ASP E 71 13.31 -7.03 -5.14
C ASP E 71 14.20 -5.77 -5.12
N ASN E 72 13.95 -4.89 -4.16
CA ASN E 72 14.73 -3.65 -4.08
C ASN E 72 16.18 -4.00 -3.68
N LEU E 73 16.35 -4.95 -2.76
CA LEU E 73 17.68 -5.36 -2.29
C LEU E 73 18.47 -6.02 -3.42
N THR E 74 17.76 -6.77 -4.26
CA THR E 74 18.40 -7.43 -5.38
C THR E 74 18.98 -6.39 -6.35
N LYS E 75 18.17 -5.42 -6.75
CA LYS E 75 18.61 -4.39 -7.69
C LYS E 75 19.67 -3.44 -7.11
N GLN E 76 19.57 -3.19 -5.81
CA GLN E 76 20.53 -2.33 -5.15
C GLN E 76 21.92 -2.97 -5.27
N ASN E 77 21.94 -4.30 -5.15
CA ASN E 77 23.17 -5.08 -5.21
C ASN E 77 23.59 -5.59 -6.59
N ASP E 78 22.76 -5.38 -7.62
CA ASP E 78 23.07 -5.86 -8.97
C ASP E 78 23.70 -4.78 -9.83
N ASP E 79 24.90 -5.03 -10.33
CA ASP E 79 25.62 -4.08 -11.18
C ASP E 79 24.78 -3.62 -12.39
N ALA E 80 23.97 -4.53 -12.91
CA ALA E 80 23.12 -4.21 -14.05
C ALA E 80 22.22 -2.99 -13.80
N TYR E 81 21.90 -2.74 -12.54
CA TYR E 81 21.02 -1.63 -12.19
C TYR E 81 21.70 -0.37 -11.70
N LYS E 82 23.01 -0.45 -11.48
CA LYS E 82 23.80 0.65 -10.95
C LYS E 82 23.51 1.99 -11.62
N GLY E 83 23.06 2.97 -10.84
CA GLY E 83 22.76 4.28 -11.37
C GLY E 83 21.33 4.53 -11.84
N LEU E 84 20.52 3.49 -11.95
CA LEU E 84 19.12 3.74 -12.34
C LEU E 84 18.42 4.28 -11.10
N THR E 85 17.41 5.10 -11.30
CA THR E 85 16.64 5.64 -10.19
C THR E 85 15.85 4.58 -9.41
N ASN E 86 16.03 4.56 -8.09
CA ASN E 86 15.30 3.63 -7.23
C ASN E 86 14.02 4.35 -6.84
N LEU E 87 12.91 4.02 -7.50
CA LEU E 87 11.61 4.65 -7.17
C LEU E 87 10.90 3.97 -5.99
N ASP E 88 11.48 2.90 -5.47
CA ASP E 88 10.85 2.13 -4.40
C ASP E 88 11.57 2.00 -3.07
N GLU E 89 12.50 2.87 -2.74
CA GLU E 89 13.18 2.69 -1.47
C GLU E 89 12.18 2.84 -0.31
N LYS E 90 12.27 1.98 0.68
CA LYS E 90 11.36 2.03 1.82
C LYS E 90 12.11 2.50 3.07
N GLY E 91 11.38 3.12 4.00
CA GLY E 91 12.01 3.61 5.22
C GLY E 91 12.08 2.60 6.38
N THR E 92 12.28 3.13 7.57
CA THR E 92 12.38 2.31 8.80
C THR E 92 11.17 1.38 8.86
N ASP E 93 10.06 1.93 8.43
CA ASP E 93 8.78 1.27 8.38
C ASP E 93 8.78 -0.02 7.56
N LYS E 94 9.56 -0.06 6.49
CA LYS E 94 9.63 -1.22 5.60
C LYS E 94 8.44 -1.20 4.64
N GLN E 95 7.45 -0.36 4.95
CA GLN E 95 6.26 -0.26 4.14
C GLN E 95 6.11 1.14 3.56
N THR E 96 6.54 2.13 4.34
CA THR E 96 6.43 3.51 3.93
C THR E 96 7.57 3.91 3.00
N PRO E 97 7.23 4.48 1.83
CA PRO E 97 8.26 4.89 0.88
C PRO E 97 9.06 6.04 1.46
N VAL E 98 10.35 6.05 1.19
CA VAL E 98 11.19 7.14 1.65
C VAL E 98 10.66 8.39 0.97
N VAL E 99 10.21 8.25 -0.28
CA VAL E 99 9.68 9.38 -1.01
C VAL E 99 8.19 9.18 -1.31
N ALA E 100 7.38 10.15 -0.91
CA ALA E 100 5.95 10.10 -1.13
C ALA E 100 5.65 10.41 -2.57
N ASP E 101 4.52 9.90 -3.05
CA ASP E 101 4.05 10.10 -4.41
C ASP E 101 3.92 11.61 -4.75
N ASN E 102 3.28 12.37 -3.88
CA ASN E 102 3.05 13.79 -4.11
C ASN E 102 4.24 14.66 -3.75
N THR E 103 5.36 14.36 -4.42
CA THR E 103 6.63 15.06 -4.22
C THR E 103 7.16 15.38 -5.61
N ALA E 104 7.64 16.61 -5.80
CA ALA E 104 8.16 17.04 -7.09
C ALA E 104 9.34 16.17 -7.48
N ALA E 105 9.36 15.76 -8.74
CA ALA E 105 10.45 14.93 -9.27
C ALA E 105 11.44 15.88 -9.98
N THR E 106 12.72 15.54 -9.97
CA THR E 106 13.73 16.40 -10.60
C THR E 106 14.32 15.86 -11.92
N VAL E 107 15.16 16.69 -12.55
CA VAL E 107 15.78 16.30 -13.79
C VAL E 107 16.80 15.23 -13.46
N GLY E 108 17.41 15.35 -12.29
CA GLY E 108 18.36 14.35 -11.86
C GLY E 108 17.67 13.00 -11.81
N ASP E 109 16.41 13.00 -11.35
CA ASP E 109 15.62 11.76 -11.23
C ASP E 109 15.40 11.16 -12.61
N LEU E 110 15.03 12.00 -13.59
CA LEU E 110 14.79 11.54 -14.95
C LEU E 110 16.04 10.93 -15.62
N ARG E 111 17.19 11.52 -15.37
CA ARG E 111 18.44 11.06 -15.95
C ARG E 111 18.77 9.64 -15.54
N GLY E 112 18.13 9.19 -14.46
CA GLY E 112 18.37 7.84 -13.98
C GLY E 112 17.28 6.85 -14.35
N LEU E 113 16.25 7.31 -15.06
CA LEU E 113 15.15 6.44 -15.44
C LEU E 113 15.56 5.53 -16.59
N GLY E 114 15.14 4.27 -16.51
CA GLY E 114 15.42 3.33 -17.57
C GLY E 114 15.12 1.89 -17.19
N TRP E 115 15.10 1.03 -18.21
CA TRP E 115 14.88 -0.39 -18.02
C TRP E 115 16.16 -1.14 -18.42
N VAL E 116 16.28 -2.37 -17.96
CA VAL E 116 17.43 -3.21 -18.25
C VAL E 116 17.10 -4.18 -19.41
N ILE E 117 17.98 -4.26 -20.40
CA ILE E 117 17.81 -5.20 -21.50
C ILE E 117 18.90 -6.28 -21.34
N SER E 118 18.54 -7.54 -21.58
CA SER E 118 19.51 -8.61 -21.43
C SER E 118 19.31 -9.78 -22.40
N ALA E 119 20.35 -10.58 -22.55
CA ALA E 119 20.31 -11.77 -23.41
C ALA E 119 21.22 -12.77 -22.74
N ASP E 120 20.99 -14.07 -22.94
CA ASP E 120 21.83 -15.05 -22.31
C ASP E 120 23.19 -15.16 -22.99
N LYS E 121 23.34 -14.46 -24.10
CA LYS E 121 24.59 -14.49 -24.85
C LYS E 121 25.07 -13.13 -25.31
N THR E 122 26.39 -12.97 -25.33
CA THR E 122 26.99 -11.74 -25.80
C THR E 122 27.40 -12.04 -27.23
N THR E 123 27.00 -11.16 -28.15
CA THR E 123 27.32 -11.35 -29.55
C THR E 123 28.84 -11.32 -29.75
N GLY E 124 29.39 -12.40 -30.30
CA GLY E 124 30.82 -12.47 -30.49
C GLY E 124 31.57 -12.57 -29.17
N GLY E 125 30.79 -12.65 -28.07
CA GLY E 125 31.37 -12.75 -26.74
C GLY E 125 31.14 -14.11 -26.11
N SER E 126 31.32 -14.22 -24.80
CA SER E 126 31.11 -15.51 -24.16
C SER E 126 30.42 -15.43 -22.79
N THR E 127 29.88 -14.26 -22.44
CA THR E 127 29.17 -14.08 -21.17
C THR E 127 27.77 -13.55 -21.46
N GLU E 128 26.91 -13.56 -20.44
CA GLU E 128 25.57 -13.04 -20.62
C GLU E 128 25.70 -11.57 -20.97
N TYR E 129 24.64 -11.01 -21.52
CA TYR E 129 24.63 -9.61 -21.88
C TYR E 129 23.56 -8.85 -21.10
N HIS E 130 23.86 -7.59 -20.83
CA HIS E 130 22.91 -6.73 -20.17
C HIS E 130 23.38 -5.30 -20.28
N ASP E 131 22.41 -4.41 -20.44
CA ASP E 131 22.71 -3.00 -20.50
C ASP E 131 21.45 -2.25 -20.07
N GLN E 132 21.60 -0.95 -19.82
CA GLN E 132 20.45 -0.14 -19.44
C GLN E 132 19.98 0.62 -20.67
N VAL E 133 18.66 0.75 -20.79
CA VAL E 133 18.06 1.50 -21.87
C VAL E 133 17.40 2.70 -21.20
N ARG E 134 18.11 3.83 -21.16
CA ARG E 134 17.56 5.03 -20.54
C ARG E 134 16.95 5.88 -21.63
N ASN E 135 16.58 7.10 -21.28
CA ASN E 135 15.98 8.01 -22.24
C ASN E 135 16.96 8.25 -23.40
N ALA E 136 16.42 8.28 -24.62
CA ALA E 136 17.23 8.54 -25.83
C ALA E 136 18.23 7.46 -26.20
N ASN E 137 18.12 6.29 -25.59
CA ASN E 137 18.99 5.16 -25.91
C ASN E 137 18.29 4.38 -27.05
N GLU E 138 19.06 3.64 -27.84
CA GLU E 138 18.49 2.86 -28.94
C GLU E 138 18.61 1.34 -28.79
N VAL E 139 17.54 0.65 -29.15
CA VAL E 139 17.55 -0.80 -29.10
C VAL E 139 17.26 -1.27 -30.52
N LYS E 140 18.19 -2.05 -31.04
CA LYS E 140 18.07 -2.55 -32.41
C LYS E 140 18.00 -4.06 -32.48
N PHE E 141 16.99 -4.55 -33.17
CA PHE E 141 16.82 -6.00 -33.35
C PHE E 141 17.39 -6.34 -34.73
N LYS E 142 18.49 -7.09 -34.73
CA LYS E 142 19.21 -7.48 -35.94
C LYS E 142 18.87 -8.84 -36.54
N SER E 143 18.81 -8.90 -37.86
CA SER E 143 18.56 -10.15 -38.56
C SER E 143 19.91 -10.84 -38.51
N GLY E 144 19.89 -12.16 -38.38
CA GLY E 144 21.13 -12.91 -38.33
C GLY E 144 21.09 -14.00 -39.36
N ASN E 145 22.09 -14.87 -39.34
CA ASN E 145 22.13 -15.92 -40.32
C ASN E 145 20.89 -16.80 -40.40
N GLY E 146 20.14 -16.65 -41.49
CA GLY E 146 18.95 -17.46 -41.69
C GLY E 146 17.72 -17.02 -40.91
N ILE E 147 17.72 -15.76 -40.48
CA ILE E 147 16.59 -15.20 -39.74
C ILE E 147 16.45 -13.74 -40.09
N ASN E 148 15.29 -13.39 -40.63
CA ASN E 148 15.00 -12.00 -41.00
C ASN E 148 14.16 -11.33 -39.91
N VAL E 149 14.69 -10.23 -39.40
CA VAL E 149 14.04 -9.45 -38.34
C VAL E 149 13.56 -8.11 -38.90
N SER E 150 12.25 -7.95 -39.01
CA SER E 150 11.68 -6.71 -39.54
C SER E 150 10.78 -6.01 -38.53
N GLY E 151 10.69 -4.70 -38.65
CA GLY E 151 9.83 -3.94 -37.76
C GLY E 151 8.81 -3.17 -38.56
N LYS E 152 7.73 -2.80 -37.91
CA LYS E 152 6.67 -2.03 -38.55
C LYS E 152 5.72 -1.62 -37.47
N THR E 153 5.30 -0.36 -37.49
CA THR E 153 4.34 0.13 -36.51
C THR E 153 2.99 -0.06 -37.16
N VAL E 154 2.14 -0.91 -36.59
CA VAL E 154 0.83 -1.18 -37.17
C VAL E 154 -0.22 -0.24 -36.59
N ASN E 155 -1.16 -0.74 -35.81
CA ASN E 155 -2.15 0.17 -35.24
C ASN E 155 -1.59 0.75 -33.94
N GLY E 156 -0.55 1.58 -34.08
CA GLY E 156 0.07 2.20 -32.92
C GLY E 156 1.10 1.34 -32.25
N ARG E 157 1.01 0.02 -32.48
CA ARG E 157 1.95 -0.93 -31.88
C ARG E 157 3.25 -1.07 -32.67
N ARG E 158 4.37 -0.99 -31.97
CA ARG E 158 5.65 -1.16 -32.63
C ARG E 158 5.89 -2.66 -32.71
N GLU E 159 5.66 -3.24 -33.89
CA GLU E 159 5.81 -4.69 -34.03
C GLU E 159 7.08 -5.17 -34.68
N ILE E 160 7.74 -6.10 -34.02
CA ILE E 160 8.97 -6.66 -34.54
C ILE E 160 8.65 -8.08 -34.94
N THR E 161 8.78 -8.36 -36.24
CA THR E 161 8.48 -9.69 -36.76
C THR E 161 9.71 -10.52 -37.09
N PHE E 162 9.70 -11.78 -36.66
CA PHE E 162 10.76 -12.74 -36.86
C PHE E 162 10.34 -13.92 -37.76
N GLU E 163 11.12 -14.18 -38.80
CA GLU E 163 10.83 -15.27 -39.74
C GLU E 163 12.12 -15.92 -40.29
N LEU E 164 11.96 -17.11 -40.87
CA LEU E 164 13.09 -17.81 -41.47
C LEU E 164 13.41 -17.11 -42.79
N ALA E 165 14.70 -16.96 -43.10
CA ALA E 165 15.10 -16.30 -44.34
C ALA E 165 14.94 -17.28 -45.52
N ALA F 9 -9.20 30.19 4.50
CA ALA F 9 -8.02 30.67 3.70
C ALA F 9 -7.24 31.72 4.49
N LYS F 10 -6.46 31.27 5.48
CA LYS F 10 -5.67 32.19 6.30
C LYS F 10 -4.20 32.26 5.87
N THR F 11 -3.83 33.38 5.26
CA THR F 11 -2.47 33.61 4.79
C THR F 11 -1.67 34.44 5.79
N GLU F 12 -0.58 33.87 6.27
CA GLU F 12 0.27 34.54 7.25
C GLU F 12 1.75 34.41 6.91
N ILE F 13 2.49 35.49 7.12
CA ILE F 13 3.92 35.52 6.88
C ILE F 13 4.59 35.98 8.15
N ASN F 14 5.56 35.21 8.63
CA ASN F 14 6.28 35.55 9.84
C ASN F 14 7.72 35.14 9.64
N LYS F 15 8.46 35.08 10.75
CA LYS F 15 9.87 34.74 10.72
C LYS F 15 10.12 33.34 10.17
N ASP F 16 9.09 32.48 10.16
CA ASP F 16 9.25 31.12 9.65
C ASP F 16 8.97 31.03 8.15
N GLY F 17 8.32 32.05 7.61
CA GLY F 17 8.02 32.06 6.19
C GLY F 17 6.55 32.21 5.91
N LEU F 18 6.14 31.68 4.77
CA LEU F 18 4.76 31.75 4.33
C LEU F 18 3.97 30.52 4.73
N THR F 19 2.77 30.75 5.25
CA THR F 19 1.89 29.67 5.66
C THR F 19 0.50 30.03 5.21
N ILE F 20 -0.19 29.09 4.57
CA ILE F 20 -1.56 29.34 4.14
C ILE F 20 -2.37 28.15 4.57
N THR F 21 -3.29 28.36 5.51
CA THR F 21 -4.12 27.26 5.99
C THR F 21 -5.57 27.41 5.54
N PRO F 22 -6.14 26.34 4.97
CA PRO F 22 -7.53 26.33 4.49
C PRO F 22 -8.48 26.29 5.68
N ALA F 23 -9.66 26.87 5.51
CA ALA F 23 -10.66 26.89 6.58
C ALA F 23 -11.07 25.46 6.97
N ASN F 24 -11.20 24.59 5.98
CA ASN F 24 -11.59 23.20 6.20
C ASN F 24 -10.83 22.55 7.36
N GLY F 25 -9.50 22.72 7.35
CA GLY F 25 -8.67 22.15 8.39
C GLY F 25 -7.20 22.32 8.11
N ALA F 26 -6.49 21.21 7.91
CA ALA F 26 -5.06 21.24 7.62
C ALA F 26 -4.58 19.90 7.08
N GLY F 27 -5.52 18.99 6.85
CA GLY F 27 -5.20 17.68 6.32
C GLY F 27 -4.53 16.79 7.35
N ALA F 28 -4.56 15.49 7.12
CA ALA F 28 -3.96 14.51 8.03
C ALA F 28 -2.54 14.92 8.42
N ASN F 29 -1.55 14.44 7.68
CA ASN F 29 -0.17 14.75 7.96
C ASN F 29 0.16 16.20 7.53
N ASN F 30 -0.70 17.14 7.93
CA ASN F 30 -0.52 18.56 7.58
C ASN F 30 -0.38 18.73 6.06
N ALA F 31 -1.06 17.89 5.30
CA ALA F 31 -0.98 17.91 3.84
C ALA F 31 -1.81 18.97 3.11
N ASN F 32 -2.79 19.58 3.77
CA ASN F 32 -3.60 20.60 3.12
C ASN F 32 -3.08 22.01 3.32
N THR F 33 -2.02 22.14 4.11
CA THR F 33 -1.46 23.45 4.36
C THR F 33 -0.37 23.74 3.34
N ILE F 34 -0.44 24.94 2.79
CA ILE F 34 0.51 25.40 1.79
C ILE F 34 1.55 26.21 2.55
N SER F 35 2.82 26.03 2.25
CA SER F 35 3.83 26.78 2.97
C SER F 35 5.17 26.87 2.29
N VAL F 36 5.92 27.90 2.68
CA VAL F 36 7.27 28.11 2.18
C VAL F 36 8.12 28.44 3.40
N THR F 37 8.98 27.51 3.79
CA THR F 37 9.78 27.72 4.99
C THR F 37 11.19 27.17 4.86
N LYS F 38 11.94 27.14 5.96
CA LYS F 38 13.30 26.63 5.93
C LYS F 38 13.26 25.14 5.63
N ASP F 39 12.10 24.54 5.87
CA ASP F 39 11.94 23.12 5.62
C ASP F 39 11.61 22.81 4.18
N GLY F 40 11.40 23.87 3.40
CA GLY F 40 11.07 23.68 2.00
C GLY F 40 9.70 24.20 1.61
N ILE F 41 9.08 23.57 0.63
CA ILE F 41 7.79 23.97 0.15
C ILE F 41 6.73 22.88 0.15
N SER F 42 5.50 23.27 0.48
CA SER F 42 4.36 22.37 0.51
C SER F 42 3.25 22.98 -0.31
N ALA F 43 2.73 22.27 -1.29
CA ALA F 43 1.68 22.82 -2.15
C ALA F 43 0.26 22.50 -1.69
N GLY F 44 0.15 21.90 -0.51
CA GLY F 44 -1.17 21.59 0.05
C GLY F 44 -2.11 20.78 -0.83
N GLY F 45 -1.57 19.86 -1.62
CA GLY F 45 -2.41 19.03 -2.47
C GLY F 45 -2.77 19.68 -3.79
N GLN F 46 -2.06 20.76 -4.12
CA GLN F 46 -2.29 21.48 -5.38
C GLN F 46 -1.08 21.23 -6.24
N SER F 47 -1.06 21.86 -7.40
CA SER F 47 0.06 21.67 -8.30
C SER F 47 0.90 22.93 -8.47
N VAL F 48 2.04 22.75 -9.12
CA VAL F 48 2.95 23.83 -9.43
C VAL F 48 2.78 24.07 -10.92
N LYS F 49 2.16 25.19 -11.28
CA LYS F 49 1.92 25.51 -12.68
C LYS F 49 2.89 26.53 -13.27
N ASN F 50 2.76 26.75 -14.57
CA ASN F 50 3.62 27.69 -15.29
C ASN F 50 5.09 27.45 -14.93
N VAL F 51 5.50 26.19 -14.97
CA VAL F 51 6.89 25.83 -14.65
C VAL F 51 7.62 25.30 -15.87
N VAL F 52 8.94 25.42 -15.84
CA VAL F 52 9.72 24.97 -16.95
C VAL F 52 11.04 24.47 -16.39
N SER F 53 11.59 23.43 -16.98
CA SER F 53 12.85 22.88 -16.47
C SER F 53 14.02 23.45 -17.24
N GLY F 54 13.79 23.79 -18.50
CA GLY F 54 14.87 24.30 -19.32
C GLY F 54 15.38 23.15 -20.17
N LEU F 55 14.69 22.02 -20.10
CA LEU F 55 15.06 20.88 -20.92
C LEU F 55 14.52 21.12 -22.33
N LYS F 56 15.32 20.77 -23.32
CA LYS F 56 14.94 20.89 -24.73
C LYS F 56 14.68 19.49 -25.26
N LYS F 57 14.04 19.43 -26.42
CA LYS F 57 13.79 18.18 -27.10
C LYS F 57 14.85 18.08 -28.19
N PHE F 58 15.23 16.86 -28.55
CA PHE F 58 16.19 16.69 -29.62
C PHE F 58 15.56 17.23 -30.89
N GLY F 59 16.36 18.00 -31.63
CA GLY F 59 15.89 18.60 -32.85
C GLY F 59 15.55 20.06 -32.68
N ASP F 60 15.47 20.53 -31.45
CA ASP F 60 15.13 21.93 -31.22
C ASP F 60 16.12 22.90 -31.88
N ALA F 61 15.56 24.02 -32.35
CA ALA F 61 16.31 25.05 -33.04
C ALA F 61 17.54 25.61 -32.31
N ASN F 62 17.34 26.12 -31.09
CA ASN F 62 18.43 26.72 -30.33
C ASN F 62 19.55 25.80 -29.83
N PHE F 63 19.97 24.84 -30.65
CA PHE F 63 21.03 23.91 -30.26
C PHE F 63 22.40 24.36 -30.76
N ASP F 64 23.43 24.20 -29.93
CA ASP F 64 24.78 24.59 -30.32
C ASP F 64 25.70 23.41 -30.57
N PRO F 65 25.95 23.10 -31.86
CA PRO F 65 26.81 22.01 -32.33
C PRO F 65 28.25 22.11 -31.84
N LEU F 66 28.73 23.34 -31.74
CA LEU F 66 30.09 23.61 -31.30
C LEU F 66 30.37 23.15 -29.88
N THR F 67 29.38 23.27 -29.00
CA THR F 67 29.53 22.86 -27.61
C THR F 67 29.03 21.44 -27.36
N SER F 68 28.46 20.84 -28.39
CA SER F 68 27.89 19.50 -28.28
C SER F 68 28.88 18.35 -28.39
N SER F 69 28.58 17.26 -27.68
CA SER F 69 29.41 16.07 -27.73
C SER F 69 28.99 15.32 -28.99
N ALA F 70 29.83 14.40 -29.44
CA ALA F 70 29.53 13.61 -30.63
C ALA F 70 28.15 12.92 -30.49
N ASP F 71 27.98 12.16 -29.42
CA ASP F 71 26.74 11.45 -29.17
C ASP F 71 25.51 12.38 -29.11
N ASN F 72 25.64 13.51 -28.41
CA ASN F 72 24.50 14.42 -28.31
C ASN F 72 24.19 15.09 -29.63
N LEU F 73 25.21 15.24 -30.49
CA LEU F 73 25.03 15.89 -31.78
C LEU F 73 24.36 14.96 -32.78
N THR F 74 24.76 13.69 -32.75
CA THR F 74 24.19 12.73 -33.66
C THR F 74 22.68 12.62 -33.38
N LYS F 75 22.31 12.50 -32.11
CA LYS F 75 20.89 12.40 -31.77
C LYS F 75 20.16 13.68 -32.18
N GLN F 76 20.79 14.82 -31.89
CA GLN F 76 20.21 16.12 -32.24
C GLN F 76 19.91 16.18 -33.72
N ASN F 77 20.83 15.64 -34.53
CA ASN F 77 20.68 15.67 -35.97
C ASN F 77 19.85 14.50 -36.52
N ASP F 78 19.61 13.48 -35.72
CA ASP F 78 18.84 12.34 -36.21
C ASP F 78 17.35 12.54 -35.93
N ASP F 79 16.54 12.58 -36.98
CA ASP F 79 15.11 12.79 -36.76
C ASP F 79 14.46 11.56 -36.13
N ALA F 80 15.24 10.49 -35.95
CA ALA F 80 14.72 9.28 -35.31
C ALA F 80 14.55 9.64 -33.83
N TYR F 81 15.35 10.59 -33.37
CA TYR F 81 15.31 11.05 -31.99
C TYR F 81 14.50 12.33 -31.85
N LYS F 82 13.93 12.81 -32.94
CA LYS F 82 13.18 14.05 -32.90
C LYS F 82 12.03 14.01 -31.90
N GLY F 83 11.93 15.04 -31.08
CA GLY F 83 10.85 15.09 -30.10
C GLY F 83 11.20 14.52 -28.75
N LEU F 84 12.20 13.66 -28.71
CA LEU F 84 12.59 13.09 -27.43
C LEU F 84 13.35 14.15 -26.63
N THR F 85 13.10 14.16 -25.33
CA THR F 85 13.73 15.08 -24.41
C THR F 85 15.26 14.89 -24.40
N ASN F 86 16.01 15.98 -24.43
CA ASN F 86 17.48 15.88 -24.43
C ASN F 86 17.91 16.15 -23.00
N LEU F 87 18.28 15.11 -22.26
CA LEU F 87 18.69 15.29 -20.87
C LEU F 87 20.18 15.56 -20.74
N ASP F 88 20.90 15.56 -21.87
CA ASP F 88 22.34 15.77 -21.82
C ASP F 88 22.87 17.01 -22.51
N GLU F 89 22.04 18.03 -22.66
CA GLU F 89 22.52 19.24 -23.31
C GLU F 89 23.66 19.82 -22.50
N LYS F 90 24.72 20.22 -23.21
CA LYS F 90 25.88 20.79 -22.54
C LYS F 90 26.03 22.27 -22.84
N GLY F 91 26.73 22.97 -21.96
CA GLY F 91 26.95 24.39 -22.13
C GLY F 91 28.30 24.66 -22.74
N THR F 92 28.61 25.94 -22.93
CA THR F 92 29.88 26.35 -23.53
C THR F 92 31.06 25.56 -22.95
N ASP F 93 30.96 25.16 -21.69
CA ASP F 93 32.02 24.40 -21.05
C ASP F 93 32.18 23.02 -21.67
N LYS F 94 31.21 22.64 -22.50
CA LYS F 94 31.22 21.36 -23.18
C LYS F 94 31.14 20.22 -22.16
N GLN F 95 31.22 20.56 -20.88
CA GLN F 95 31.18 19.56 -19.82
C GLN F 95 30.02 19.80 -18.84
N THR F 96 29.72 21.07 -18.59
CA THR F 96 28.66 21.44 -17.67
C THR F 96 27.26 21.26 -18.28
N PRO F 97 26.37 20.55 -17.57
CA PRO F 97 24.99 20.30 -18.02
C PRO F 97 24.23 21.62 -18.05
N VAL F 98 23.50 21.88 -19.12
CA VAL F 98 22.75 23.11 -19.22
C VAL F 98 21.72 23.20 -18.10
N VAL F 99 21.08 22.08 -17.79
CA VAL F 99 20.07 22.05 -16.73
C VAL F 99 20.58 21.19 -15.59
N ALA F 100 20.60 21.74 -14.38
CA ALA F 100 21.10 20.99 -13.23
C ALA F 100 20.18 19.85 -12.80
N ASP F 101 20.75 18.84 -12.16
CA ASP F 101 20.00 17.70 -11.68
C ASP F 101 18.91 18.16 -10.76
N ASN F 102 19.30 18.99 -9.78
CA ASN F 102 18.37 19.50 -8.78
C ASN F 102 17.44 20.60 -9.29
N THR F 103 16.75 20.32 -10.38
CA THR F 103 15.81 21.26 -10.99
C THR F 103 14.54 20.47 -11.21
N ALA F 104 13.40 21.06 -10.87
CA ALA F 104 12.12 20.37 -11.05
C ALA F 104 11.87 20.00 -12.49
N ALA F 105 11.32 18.80 -12.70
CA ALA F 105 10.98 18.29 -14.03
C ALA F 105 9.49 18.56 -14.28
N THR F 106 9.11 18.65 -15.55
CA THR F 106 7.72 18.95 -15.88
C THR F 106 6.98 17.84 -16.58
N VAL F 107 5.67 17.95 -16.61
CA VAL F 107 4.91 16.95 -17.30
C VAL F 107 5.41 16.93 -18.75
N GLY F 108 5.69 18.12 -19.28
CA GLY F 108 6.17 18.22 -20.64
C GLY F 108 7.46 17.45 -20.83
N ASP F 109 8.34 17.50 -19.83
CA ASP F 109 9.59 16.75 -19.95
C ASP F 109 9.25 15.26 -20.01
N LEU F 110 8.21 14.83 -19.28
CA LEU F 110 7.81 13.42 -19.27
C LEU F 110 7.28 12.99 -20.62
N ARG F 111 6.45 13.85 -21.22
CA ARG F 111 5.87 13.52 -22.52
C ARG F 111 6.91 13.31 -23.64
N GLY F 112 8.15 13.75 -23.41
CA GLY F 112 9.17 13.56 -24.41
C GLY F 112 10.10 12.40 -24.08
N LEU F 113 9.86 11.76 -22.95
CA LEU F 113 10.68 10.61 -22.54
C LEU F 113 10.40 9.39 -23.44
N GLY F 114 11.45 8.68 -23.80
CA GLY F 114 11.32 7.51 -24.65
C GLY F 114 12.62 6.93 -25.19
N TRP F 115 12.55 5.70 -25.69
CA TRP F 115 13.70 5.04 -26.26
C TRP F 115 13.45 4.78 -27.73
N VAL F 116 14.51 4.57 -28.49
CA VAL F 116 14.36 4.32 -29.92
C VAL F 116 14.45 2.83 -30.24
N ILE F 117 13.44 2.33 -30.92
CA ILE F 117 13.43 0.94 -31.34
C ILE F 117 13.71 0.92 -32.85
N SER F 118 14.52 -0.05 -33.27
CA SER F 118 14.87 -0.13 -34.68
C SER F 118 15.14 -1.55 -35.17
N ALA F 119 15.07 -1.72 -36.47
CA ALA F 119 15.37 -3.02 -37.10
C ALA F 119 16.06 -2.71 -38.44
N ASP F 120 16.78 -3.69 -38.99
CA ASP F 120 17.47 -3.49 -40.25
C ASP F 120 16.50 -3.62 -41.42
N LYS F 121 15.32 -4.14 -41.15
CA LYS F 121 14.31 -4.31 -42.18
C LYS F 121 12.95 -3.85 -41.73
N THR F 122 12.12 -3.51 -42.72
CA THR F 122 10.76 -3.10 -42.49
C THR F 122 9.84 -4.19 -43.01
N THR F 123 8.97 -4.68 -42.14
CA THR F 123 8.02 -5.73 -42.49
C THR F 123 7.25 -5.27 -43.72
N GLY F 124 7.31 -6.07 -44.78
CA GLY F 124 6.64 -5.71 -46.03
C GLY F 124 7.24 -4.47 -46.68
N GLY F 125 8.46 -4.12 -46.30
CA GLY F 125 9.09 -2.93 -46.87
C GLY F 125 10.49 -3.14 -47.44
N SER F 126 11.17 -2.05 -47.77
CA SER F 126 12.50 -2.13 -48.36
C SER F 126 13.56 -1.30 -47.65
N THR F 127 13.23 -0.80 -46.47
CA THR F 127 14.23 0.01 -45.77
C THR F 127 14.33 -0.32 -44.30
N GLU F 128 15.14 0.50 -43.65
CA GLU F 128 15.40 0.40 -42.23
C GLU F 128 14.14 0.78 -41.48
N TYR F 129 13.99 0.27 -40.27
CA TYR F 129 12.83 0.60 -39.45
C TYR F 129 13.21 1.17 -38.11
N HIS F 130 12.57 2.28 -37.77
CA HIS F 130 12.76 2.89 -36.48
C HIS F 130 11.50 3.63 -36.07
N ASP F 131 11.32 3.70 -34.76
CA ASP F 131 10.19 4.40 -34.17
C ASP F 131 10.54 4.63 -32.70
N GLN F 132 9.80 5.53 -32.06
CA GLN F 132 10.06 5.81 -30.64
C GLN F 132 9.08 5.08 -29.74
N VAL F 133 9.58 4.63 -28.59
CA VAL F 133 8.73 3.96 -27.62
C VAL F 133 8.64 4.88 -26.41
N ARG F 134 7.55 5.63 -26.32
CA ARG F 134 7.35 6.55 -25.20
C ARG F 134 6.36 5.95 -24.18
N ASN F 135 6.06 6.69 -23.13
CA ASN F 135 5.15 6.20 -22.13
C ASN F 135 3.86 5.65 -22.75
N ALA F 136 3.42 4.50 -22.24
CA ALA F 136 2.18 3.86 -22.71
C ALA F 136 2.18 3.38 -24.18
N ASN F 137 3.35 3.33 -24.82
CA ASN F 137 3.41 2.79 -26.17
C ASN F 137 3.52 1.29 -26.01
N GLU F 138 3.24 0.55 -27.07
CA GLU F 138 3.33 -0.90 -27.03
C GLU F 138 4.30 -1.47 -28.06
N VAL F 139 5.11 -2.42 -27.61
CA VAL F 139 6.05 -3.11 -28.47
C VAL F 139 5.64 -4.59 -28.45
N LYS F 140 5.28 -5.13 -29.62
CA LYS F 140 4.89 -6.53 -29.71
C LYS F 140 5.86 -7.36 -30.56
N PHE F 141 6.30 -8.49 -30.01
CA PHE F 141 7.21 -9.38 -30.71
C PHE F 141 6.35 -10.47 -31.38
N LYS F 142 6.23 -10.37 -32.70
CA LYS F 142 5.42 -11.27 -33.52
C LYS F 142 6.12 -12.52 -34.05
N SER F 143 5.40 -13.64 -34.04
CA SER F 143 5.92 -14.88 -34.58
C SER F 143 5.84 -14.70 -36.10
N GLY F 144 6.71 -15.38 -36.83
CA GLY F 144 6.70 -15.27 -38.28
C GLY F 144 6.81 -16.67 -38.84
N ASN F 145 6.90 -16.79 -40.16
CA ASN F 145 7.01 -18.14 -40.74
C ASN F 145 8.25 -18.87 -40.26
N GLY F 146 8.03 -20.01 -39.60
CA GLY F 146 9.12 -20.83 -39.13
C GLY F 146 9.62 -20.56 -37.73
N ILE F 147 9.23 -19.42 -37.16
CA ILE F 147 9.69 -19.06 -35.83
C ILE F 147 8.56 -18.71 -34.85
N ASN F 148 8.55 -19.37 -33.69
CA ASN F 148 7.55 -19.06 -32.68
C ASN F 148 8.16 -18.13 -31.64
N VAL F 149 7.49 -17.01 -31.42
CA VAL F 149 7.92 -16.01 -30.44
C VAL F 149 6.90 -15.98 -29.31
N SER F 150 7.34 -16.24 -28.08
CA SER F 150 6.42 -16.25 -26.94
C SER F 150 6.98 -15.51 -25.75
N GLY F 151 6.09 -15.02 -24.88
CA GLY F 151 6.56 -14.31 -23.72
C GLY F 151 6.07 -14.83 -22.38
N LYS F 152 6.78 -14.46 -21.33
CA LYS F 152 6.37 -14.84 -19.98
C LYS F 152 7.21 -14.08 -18.97
N THR F 153 6.59 -13.65 -17.87
CA THR F 153 7.35 -12.95 -16.85
C THR F 153 7.80 -13.96 -15.81
N VAL F 154 9.11 -14.06 -15.66
CA VAL F 154 9.73 -15.02 -14.77
C VAL F 154 10.63 -14.34 -13.76
N ASN F 155 10.27 -14.50 -12.49
CA ASN F 155 11.00 -13.89 -11.39
C ASN F 155 11.23 -12.42 -11.68
N GLY F 156 10.19 -11.77 -12.20
CA GLY F 156 10.26 -10.35 -12.51
C GLY F 156 10.77 -9.93 -13.88
N ARG F 157 11.50 -10.81 -14.56
CA ARG F 157 12.01 -10.46 -15.87
C ARG F 157 10.97 -10.77 -16.94
N ARG F 158 10.72 -9.79 -17.81
CA ARG F 158 9.77 -9.98 -18.92
C ARG F 158 10.62 -10.69 -19.99
N GLU F 159 10.46 -12.01 -20.10
CA GLU F 159 11.26 -12.82 -21.03
C GLU F 159 10.57 -13.18 -22.33
N ILE F 160 11.20 -12.81 -23.43
CA ILE F 160 10.68 -13.13 -24.75
C ILE F 160 11.60 -14.24 -25.25
N THR F 161 11.00 -15.37 -25.62
CA THR F 161 11.73 -16.55 -26.09
C THR F 161 11.52 -16.81 -27.58
N PHE F 162 12.58 -17.25 -28.25
CA PHE F 162 12.54 -17.51 -29.68
C PHE F 162 12.92 -18.96 -30.02
N GLU F 163 12.04 -19.65 -30.76
CA GLU F 163 12.31 -21.04 -31.13
C GLU F 163 11.72 -21.41 -32.48
N LEU F 164 12.33 -22.40 -33.12
CA LEU F 164 11.87 -22.85 -34.42
C LEU F 164 10.46 -23.40 -34.29
N ALA F 165 9.62 -23.12 -35.27
CA ALA F 165 8.26 -23.61 -35.26
C ALA F 165 8.25 -25.10 -35.64
#